data_8VYH
#
_entry.id   8VYH
#
_cell.length_a   48.200
_cell.length_b   93.140
_cell.length_c   165.550
_cell.angle_alpha   90.00
_cell.angle_beta   90.00
_cell.angle_gamma   90.00
#
_symmetry.space_group_name_H-M   'P 21 21 21'
#
loop_
_entity.id
_entity.type
_entity.pdbx_description
1 polymer 'Poly [ADP-ribose] polymerase 1, processed C-terminus'
2 non-polymer (4S)-1-{2-fluoro-5-[(4-oxo-3,4-dihydrophthalazin-1-yl)methyl]benzoyl}-4-hydroxy-L-proline
3 non-polymer 'SULFATE ION'
4 water water
#
_entity_poly.entity_id   1
_entity_poly.type   'polypeptide(L)'
_entity_poly.pdbx_seq_one_letter_code
;GPKSKLPKPVQDLIKMIFDVESMKKAMVEYEIDLQKMPLGKLSKRQIQAAYSILSEVQQAVSQGSSDSQILDLSNRFYTL
IPHDFGMKKPPLLNNADSVQAKVEMLDNLLDIEVAYSLLRGGSDDSSKDPIDVNYEKLKTDIKVVDRDSEEAEIIRKYVK
NTHATTHNAYDLEVIDIFKIEREGECQRYKPFKQLHNRRLLWHGSRTTNFAGILSQGLRIAPPEAPVTGYMFGKGIYFAD
MVSKSANYCHTSQGDPIGLILLGEVALGNMYELKHASHISKLPKGKHSVKGLGKTTPDPSANISLDGVDVPLGTGISSGV
NDTSLLYNEYIVYDIAQVNLKYLLKLKFNFKT
;
_entity_poly.pdbx_strand_id   A,B
#
# COMPACT_ATOMS: atom_id res chain seq x y z
N PRO A 2 29.70 -37.99 25.88
CA PRO A 2 30.17 -37.70 24.52
C PRO A 2 30.43 -36.21 24.26
N LYS A 3 31.67 -35.87 24.00
CA LYS A 3 32.07 -34.49 23.71
C LYS A 3 32.12 -34.26 22.21
N SER A 4 31.42 -33.23 21.75
CA SER A 4 31.50 -32.86 20.34
C SER A 4 32.89 -32.32 20.01
N LYS A 5 33.31 -32.54 18.76
CA LYS A 5 34.57 -32.01 18.27
C LYS A 5 34.42 -30.67 17.56
N LEU A 6 33.19 -30.16 17.42
CA LEU A 6 32.98 -28.89 16.76
C LEU A 6 33.64 -27.77 17.57
N PRO A 7 34.06 -26.70 16.91
CA PRO A 7 34.63 -25.56 17.64
C PRO A 7 33.62 -25.02 18.65
N LYS A 8 34.14 -24.56 19.79
CA LYS A 8 33.28 -24.06 20.85
C LYS A 8 32.31 -23.00 20.38
N PRO A 9 32.69 -22.02 19.55
CA PRO A 9 31.69 -21.08 19.04
C PRO A 9 30.55 -21.75 18.31
N VAL A 10 30.83 -22.81 17.53
CA VAL A 10 29.77 -23.48 16.78
C VAL A 10 28.85 -24.23 17.74
N GLN A 11 29.41 -24.88 18.75
CA GLN A 11 28.58 -25.59 19.71
C GLN A 11 27.63 -24.64 20.42
N ASP A 12 28.12 -23.48 20.85
CA ASP A 12 27.26 -22.52 21.53
C ASP A 12 26.18 -22.01 20.59
N LEU A 13 26.52 -21.79 19.32
CA LEU A 13 25.53 -21.39 18.33
C LEU A 13 24.42 -22.43 18.22
N ILE A 14 24.79 -23.71 18.15
CA ILE A 14 23.79 -24.77 18.05
C ILE A 14 22.87 -24.76 19.26
N LYS A 15 23.44 -24.58 20.46
CA LYS A 15 22.62 -24.51 21.66
C LYS A 15 21.66 -23.33 21.62
N MET A 16 22.10 -22.20 21.06
CA MET A 16 21.22 -21.03 20.97
C MET A 16 20.00 -21.32 20.13
N ILE A 17 20.20 -21.82 18.91
CA ILE A 17 19.11 -21.90 17.93
C ILE A 17 18.14 -23.00 18.29
N PHE A 18 18.60 -24.10 18.87
CA PHE A 18 17.73 -25.21 19.23
C PHE A 18 17.22 -25.14 20.67
N ASP A 19 17.48 -24.04 21.37
CA ASP A 19 16.98 -23.85 22.72
C ASP A 19 15.46 -23.90 22.74
N VAL A 20 14.90 -24.94 23.38
CA VAL A 20 13.45 -25.12 23.39
C VAL A 20 12.76 -24.06 24.23
N GLU A 21 13.34 -23.72 25.39
CA GLU A 21 12.73 -22.70 26.24
C GLU A 21 12.66 -21.35 25.55
N SER A 22 13.61 -21.06 24.65
CA SER A 22 13.56 -19.84 23.88
C SER A 22 12.36 -19.82 22.94
N MET A 23 12.04 -20.97 22.34
CA MET A 23 10.85 -21.06 21.50
C MET A 23 9.59 -20.79 22.31
N LYS A 24 9.49 -21.35 23.51
CA LYS A 24 8.34 -21.07 24.36
C LYS A 24 8.26 -19.60 24.71
N LYS A 25 9.41 -18.98 25.01
CA LYS A 25 9.39 -17.58 25.40
C LYS A 25 8.88 -16.69 24.28
N ALA A 26 9.25 -17.00 23.04
CA ALA A 26 8.73 -16.24 21.90
C ALA A 26 7.23 -16.40 21.79
N MET A 27 6.71 -17.61 21.96
CA MET A 27 5.27 -17.82 21.89
C MET A 27 4.55 -17.05 22.98
N VAL A 28 5.07 -17.08 24.21
CA VAL A 28 4.47 -16.29 25.29
C VAL A 28 4.54 -14.81 24.98
N GLU A 29 5.66 -14.37 24.40
CA GLU A 29 5.80 -12.96 24.04
C GLU A 29 4.70 -12.51 23.09
N TYR A 30 4.14 -13.43 22.30
CA TYR A 30 3.06 -13.11 21.38
C TYR A 30 1.68 -13.34 22.00
N GLU A 31 1.63 -13.73 23.28
CA GLU A 31 0.39 -13.89 24.03
C GLU A 31 -0.32 -15.20 23.70
N ILE A 32 0.39 -16.16 23.10
CA ILE A 32 -0.22 -17.45 22.79
C ILE A 32 -0.42 -18.25 24.07
N ASP A 33 -1.49 -19.05 24.08
CA ASP A 33 -1.83 -19.90 25.24
C ASP A 33 -1.12 -21.23 25.09
N LEU A 34 -0.02 -21.41 25.83
CA LEU A 34 0.77 -22.63 25.72
C LEU A 34 -0.03 -23.86 26.15
N GLN A 35 -0.98 -23.70 27.06
CA GLN A 35 -1.79 -24.82 27.50
C GLN A 35 -2.65 -25.35 26.36
N LYS A 36 -3.27 -24.45 25.59
CA LYS A 36 -4.14 -24.85 24.50
C LYS A 36 -3.40 -25.02 23.19
N MET A 37 -2.26 -24.36 23.01
CA MET A 37 -1.45 -24.47 21.79
C MET A 37 0.00 -24.71 22.20
N PRO A 38 0.30 -25.88 22.74
CA PRO A 38 1.68 -26.18 23.15
C PRO A 38 2.61 -26.24 21.94
N LEU A 39 3.88 -25.98 22.22
CA LEU A 39 4.89 -25.96 21.17
C LEU A 39 4.85 -27.25 20.35
N GLY A 40 4.65 -28.39 21.01
CA GLY A 40 4.60 -29.66 20.30
C GLY A 40 3.34 -29.85 19.47
N LYS A 41 2.30 -29.07 19.71
CA LYS A 41 1.07 -29.15 18.95
C LYS A 41 1.02 -28.18 17.76
N LEU A 42 2.04 -27.36 17.57
CA LEU A 42 2.08 -26.49 16.40
C LEU A 42 2.14 -27.32 15.13
N SER A 43 1.37 -26.91 14.13
CA SER A 43 1.42 -27.52 12.81
C SER A 43 1.37 -26.41 11.76
N LYS A 44 1.94 -26.69 10.59
CA LYS A 44 1.94 -25.70 9.54
C LYS A 44 0.54 -25.41 9.02
N ARG A 45 -0.31 -26.45 8.92
CA ARG A 45 -1.66 -26.24 8.38
C ARG A 45 -2.48 -25.34 9.30
N GLN A 46 -2.33 -25.49 10.61
CA GLN A 46 -3.00 -24.58 11.54
C GLN A 46 -2.52 -23.16 11.33
N ILE A 47 -1.21 -22.97 11.15
CA ILE A 47 -0.66 -21.63 10.93
C ILE A 47 -1.20 -21.03 9.63
N GLN A 48 -1.25 -21.85 8.57
CA GLN A 48 -1.78 -21.37 7.30
C GLN A 48 -3.26 -21.02 7.41
N ALA A 49 -4.03 -21.82 8.14
CA ALA A 49 -5.44 -21.48 8.37
C ALA A 49 -5.57 -20.15 9.11
N ALA A 50 -4.70 -19.91 10.10
CA ALA A 50 -4.70 -18.61 10.76
C ALA A 50 -4.38 -17.50 9.78
N TYR A 51 -3.38 -17.71 8.91
CA TYR A 51 -3.09 -16.73 7.85
C TYR A 51 -4.34 -16.40 7.04
N SER A 52 -5.08 -17.43 6.63
CA SER A 52 -6.25 -17.21 5.77
C SER A 52 -7.30 -16.39 6.49
N ILE A 53 -7.59 -16.74 7.75
CA ILE A 53 -8.53 -15.97 8.54
C ILE A 53 -8.06 -14.54 8.70
N LEU A 54 -6.77 -14.36 8.96
CA LEU A 54 -6.20 -13.02 9.10
C LEU A 54 -6.38 -12.21 7.83
N SER A 55 -6.35 -12.86 6.66
CA SER A 55 -6.62 -12.17 5.40
C SER A 55 -8.03 -11.59 5.39
N GLU A 56 -9.02 -12.39 5.81
CA GLU A 56 -10.39 -11.89 5.86
C GLU A 56 -10.48 -10.67 6.76
N VAL A 57 -9.83 -10.72 7.92
CA VAL A 57 -9.82 -9.56 8.80
C VAL A 57 -9.20 -8.36 8.09
N GLN A 58 -8.08 -8.59 7.38
CA GLN A 58 -7.42 -7.50 6.66
C GLN A 58 -8.34 -6.89 5.61
N GLN A 59 -9.03 -7.73 4.84
CA GLN A 59 -9.95 -7.22 3.82
C GLN A 59 -11.07 -6.42 4.46
N ALA A 60 -11.62 -6.91 5.57
CA ALA A 60 -12.68 -6.18 6.26
C ALA A 60 -12.15 -4.86 6.82
N VAL A 61 -10.93 -4.87 7.36
CA VAL A 61 -10.37 -3.65 7.96
C VAL A 61 -10.17 -2.58 6.89
N SER A 62 -9.52 -2.95 5.78
CA SER A 62 -9.21 -1.97 4.74
C SER A 62 -10.48 -1.46 4.07
N GLN A 63 -11.45 -2.33 3.83
CA GLN A 63 -12.68 -1.96 3.17
C GLN A 63 -13.63 -1.17 4.06
N GLY A 64 -13.20 -0.78 5.26
CA GLY A 64 -14.03 0.05 6.12
C GLY A 64 -15.26 -0.64 6.67
N SER A 65 -15.06 -1.61 7.55
CA SER A 65 -16.15 -2.31 8.23
C SER A 65 -16.29 -1.79 9.65
N SER A 66 -17.47 -2.02 10.23
CA SER A 66 -17.74 -1.67 11.61
C SER A 66 -17.23 -2.75 12.56
N ASP A 67 -17.11 -2.38 13.83
CA ASP A 67 -16.64 -3.33 14.83
C ASP A 67 -17.57 -4.54 14.92
N SER A 68 -18.87 -4.35 14.67
CA SER A 68 -19.79 -5.49 14.68
C SER A 68 -19.47 -6.48 13.57
N GLN A 69 -19.21 -5.97 12.37
CA GLN A 69 -18.86 -6.85 11.26
C GLN A 69 -17.48 -7.46 11.45
N ILE A 70 -16.53 -6.68 11.94
CA ILE A 70 -15.17 -7.18 12.18
C ILE A 70 -15.16 -8.24 13.29
N LEU A 71 -16.13 -8.19 14.21
CA LEU A 71 -16.07 -9.00 15.41
C LEU A 71 -15.97 -10.49 15.08
N ASP A 72 -16.83 -10.97 14.19
CA ASP A 72 -16.83 -12.39 13.86
C ASP A 72 -15.51 -12.81 13.23
N LEU A 73 -14.97 -11.98 12.32
CA LEU A 73 -13.70 -12.30 11.68
C LEU A 73 -12.55 -12.31 12.70
N SER A 74 -12.55 -11.35 13.62
CA SER A 74 -11.51 -11.33 14.65
C SER A 74 -11.60 -12.55 15.55
N ASN A 75 -12.82 -12.89 16.00
CA ASN A 75 -12.98 -14.05 16.87
C ASN A 75 -12.51 -15.33 16.19
N ARG A 76 -12.73 -15.45 14.88
CA ARG A 76 -12.28 -16.64 14.17
C ARG A 76 -10.77 -16.82 14.29
N PHE A 77 -10.02 -15.72 14.19
CA PHE A 77 -8.57 -15.84 14.28
C PHE A 77 -8.14 -16.36 15.65
N TYR A 78 -8.76 -15.86 16.72
CA TYR A 78 -8.41 -16.32 18.06
C TYR A 78 -8.84 -17.76 18.28
N THR A 79 -9.70 -18.31 17.44
CA THR A 79 -10.05 -19.73 17.53
C THR A 79 -8.92 -20.61 16.99
N LEU A 80 -8.31 -20.21 15.88
CA LEU A 80 -7.26 -21.02 15.26
C LEU A 80 -5.95 -20.94 16.04
N ILE A 81 -5.65 -19.77 16.59
CA ILE A 81 -4.48 -19.57 17.44
C ILE A 81 -4.96 -19.14 18.82
N PRO A 82 -5.07 -20.08 19.76
CA PRO A 82 -5.56 -19.72 21.10
C PRO A 82 -4.60 -18.79 21.82
N HIS A 83 -5.15 -17.72 22.40
CA HIS A 83 -4.37 -16.75 23.15
C HIS A 83 -4.66 -16.89 24.64
N ASP A 84 -3.82 -16.23 25.44
CA ASP A 84 -3.89 -16.34 26.89
C ASP A 84 -4.56 -15.09 27.45
N PHE A 85 -5.90 -15.09 27.43
CA PHE A 85 -6.67 -14.00 27.98
C PHE A 85 -7.64 -14.45 29.06
N GLY A 86 -7.48 -15.65 29.59
CA GLY A 86 -8.37 -16.11 30.65
C GLY A 86 -9.80 -16.20 30.17
N MET A 87 -10.72 -15.60 30.94
CA MET A 87 -12.14 -15.62 30.63
C MET A 87 -12.65 -14.27 30.13
N LYS A 88 -11.75 -13.41 29.68
CA LYS A 88 -12.10 -12.11 29.13
C LYS A 88 -12.21 -12.19 27.61
N LYS A 89 -12.98 -11.27 27.04
CA LYS A 89 -13.04 -11.17 25.59
C LYS A 89 -11.67 -10.75 25.06
N PRO A 90 -11.21 -11.35 23.97
CA PRO A 90 -9.90 -10.98 23.41
C PRO A 90 -9.96 -9.58 22.81
N PRO A 91 -8.81 -8.93 22.61
CA PRO A 91 -8.81 -7.63 21.93
C PRO A 91 -9.32 -7.74 20.51
N LEU A 92 -10.14 -6.78 20.10
CA LEU A 92 -10.70 -6.79 18.76
C LEU A 92 -9.62 -6.41 17.75
N LEU A 93 -9.54 -7.16 16.65
CA LEU A 93 -8.62 -6.85 15.56
C LEU A 93 -9.36 -5.99 14.53
N ASN A 94 -9.50 -4.72 14.87
CA ASN A 94 -10.31 -3.79 14.06
C ASN A 94 -9.49 -2.79 13.27
N ASN A 95 -8.17 -2.77 13.44
CA ASN A 95 -7.32 -1.82 12.72
C ASN A 95 -6.15 -2.56 12.08
N ALA A 96 -5.54 -1.91 11.09
CA ALA A 96 -4.47 -2.54 10.33
C ALA A 96 -3.24 -2.82 11.19
N ASP A 97 -2.97 -1.96 12.17
CA ASP A 97 -1.80 -2.19 13.04
C ASP A 97 -1.96 -3.49 13.83
N SER A 98 -3.13 -3.70 14.44
CA SER A 98 -3.34 -4.93 15.19
C SER A 98 -3.22 -6.14 14.29
N VAL A 99 -3.80 -6.06 13.09
CA VAL A 99 -3.70 -7.17 12.13
C VAL A 99 -2.24 -7.40 11.76
N GLN A 100 -1.48 -6.32 11.59
CA GLN A 100 -0.07 -6.45 11.25
C GLN A 100 0.69 -7.22 12.33
N ALA A 101 0.39 -6.94 13.60
CA ALA A 101 1.06 -7.66 14.68
C ALA A 101 0.83 -9.16 14.58
N LYS A 102 -0.39 -9.57 14.23
CA LYS A 102 -0.67 -11.00 14.11
C LYS A 102 0.01 -11.61 12.90
N VAL A 103 0.18 -10.85 11.81
CA VAL A 103 0.94 -11.35 10.68
C VAL A 103 2.36 -11.68 11.12
N GLU A 104 2.98 -10.77 11.88
CA GLU A 104 4.35 -10.99 12.35
C GLU A 104 4.42 -12.21 13.26
N MET A 105 3.42 -12.40 14.12
CA MET A 105 3.40 -13.58 14.98
C MET A 105 3.41 -14.86 14.17
N LEU A 106 2.55 -14.95 13.14
CA LEU A 106 2.50 -16.15 12.32
C LEU A 106 3.82 -16.39 11.58
N ASP A 107 4.45 -15.33 11.10
CA ASP A 107 5.76 -15.47 10.48
C ASP A 107 6.74 -16.18 11.41
N ASN A 108 6.74 -15.83 12.69
CA ASN A 108 7.68 -16.44 13.64
C ASN A 108 7.26 -17.86 14.03
N LEU A 109 5.96 -18.11 14.13
CA LEU A 109 5.51 -19.46 14.43
C LEU A 109 5.95 -20.45 13.36
N LEU A 110 5.98 -20.02 12.10
CA LEU A 110 6.39 -20.92 11.03
C LEU A 110 7.80 -21.44 11.25
N ASP A 111 8.74 -20.54 11.57
CA ASP A 111 10.12 -20.94 11.79
C ASP A 111 10.26 -21.78 13.06
N ILE A 112 9.48 -21.45 14.10
CA ILE A 112 9.54 -22.23 15.34
C ILE A 112 9.05 -23.65 15.09
N GLU A 113 7.97 -23.79 14.32
CA GLU A 113 7.46 -25.13 14.00
C GLU A 113 8.50 -25.95 13.26
N VAL A 114 9.25 -25.31 12.35
CA VAL A 114 10.33 -26.01 11.66
C VAL A 114 11.41 -26.46 12.64
N ALA A 115 11.82 -25.56 13.54
CA ALA A 115 12.86 -25.90 14.50
C ALA A 115 12.44 -27.08 15.39
N TYR A 116 11.25 -27.00 15.99
CA TYR A 116 10.80 -28.09 16.86
C TYR A 116 10.61 -29.38 16.08
N SER A 117 10.13 -29.28 14.84
CA SER A 117 9.98 -30.46 14.00
C SER A 117 11.32 -31.15 13.77
N LEU A 118 12.37 -30.36 13.60
CA LEU A 118 13.71 -30.95 13.49
C LEU A 118 14.11 -31.67 14.77
N LEU A 119 13.83 -31.07 15.92
CA LEU A 119 14.24 -31.67 17.19
C LEU A 119 13.49 -32.97 17.46
N ARG A 120 12.19 -33.00 17.16
CA ARG A 120 11.37 -34.17 17.44
C ARG A 120 11.39 -35.22 16.32
N GLY A 121 11.95 -34.88 15.16
CA GLY A 121 12.17 -35.88 14.12
C GLY A 121 13.54 -36.53 14.27
N GLY A 122 13.87 -37.36 13.30
CA GLY A 122 15.19 -37.96 13.36
C GLY A 122 15.30 -39.06 14.41
N SER A 123 16.55 -39.44 14.68
CA SER A 123 16.89 -40.55 15.56
C SER A 123 17.48 -40.05 16.86
N ASP A 124 17.44 -40.91 17.87
CA ASP A 124 18.02 -40.61 19.18
C ASP A 124 19.14 -41.60 19.43
N ASP A 125 20.34 -41.08 19.67
CA ASP A 125 21.53 -41.90 19.93
C ASP A 125 22.28 -41.26 21.09
N SER A 126 22.19 -41.86 22.27
CA SER A 126 22.83 -41.31 23.46
C SER A 126 24.34 -41.43 23.43
N SER A 127 24.90 -42.21 22.50
CA SER A 127 26.36 -42.27 22.35
C SER A 127 26.93 -41.06 21.62
N LYS A 128 26.10 -40.29 20.95
CA LYS A 128 26.54 -39.07 20.26
C LYS A 128 26.17 -37.84 21.08
N ASP A 129 26.96 -36.81 20.93
CA ASP A 129 26.66 -35.53 21.56
C ASP A 129 25.48 -34.89 20.84
N PRO A 130 24.41 -34.53 21.56
CA PRO A 130 23.25 -33.91 20.89
C PRO A 130 23.60 -32.64 20.15
N ILE A 131 24.68 -31.95 20.52
CA ILE A 131 25.13 -30.81 19.74
C ILE A 131 25.51 -31.25 18.34
N ASP A 132 26.25 -32.36 18.24
CA ASP A 132 26.60 -32.90 16.92
C ASP A 132 25.36 -33.38 16.18
N VAL A 133 24.42 -34.02 16.88
CA VAL A 133 23.21 -34.52 16.24
C VAL A 133 22.39 -33.35 15.68
N ASN A 134 22.18 -32.31 16.49
CA ASN A 134 21.39 -31.16 16.05
C ASN A 134 22.10 -30.37 14.96
N TYR A 135 23.43 -30.31 15.02
CA TYR A 135 24.18 -29.62 13.96
C TYR A 135 23.95 -30.27 12.62
N GLU A 136 23.94 -31.60 12.57
CA GLU A 136 23.73 -32.31 11.31
C GLU A 136 22.36 -32.04 10.72
N LYS A 137 21.39 -31.65 11.54
CA LYS A 137 20.04 -31.40 11.03
C LYS A 137 19.94 -30.11 10.24
N LEU A 138 20.93 -29.22 10.33
CA LEU A 138 20.88 -27.94 9.62
C LEU A 138 21.30 -28.05 8.16
N LYS A 139 21.92 -29.15 7.75
CA LYS A 139 22.40 -29.32 6.37
C LYS A 139 23.20 -28.09 5.92
N THR A 140 23.93 -27.51 6.86
CA THR A 140 24.69 -26.28 6.63
C THR A 140 26.09 -26.45 7.17
N ASP A 141 27.09 -26.11 6.36
CA ASP A 141 28.49 -26.13 6.80
C ASP A 141 28.79 -24.80 7.47
N ILE A 142 29.18 -24.86 8.75
CA ILE A 142 29.44 -23.67 9.55
C ILE A 142 30.90 -23.69 9.97
N LYS A 143 31.63 -22.63 9.62
CA LYS A 143 33.04 -22.49 9.95
C LYS A 143 33.26 -21.15 10.64
N VAL A 144 34.17 -21.13 11.60
CA VAL A 144 34.50 -19.89 12.31
C VAL A 144 35.50 -19.10 11.47
N VAL A 145 35.19 -17.83 11.23
CA VAL A 145 36.10 -16.96 10.48
C VAL A 145 37.16 -16.42 11.42
N ASP A 146 38.42 -16.57 11.04
CA ASP A 146 39.51 -16.04 11.85
C ASP A 146 39.34 -14.54 12.04
N ARG A 147 39.47 -14.09 13.29
CA ARG A 147 39.24 -12.68 13.59
C ARG A 147 40.20 -11.76 12.85
N ASP A 148 41.38 -12.26 12.50
CA ASP A 148 42.39 -11.46 11.81
C ASP A 148 42.31 -11.56 10.29
N SER A 149 41.38 -12.35 9.76
CA SER A 149 41.25 -12.45 8.33
C SER A 149 40.66 -11.17 7.74
N GLU A 150 40.89 -10.98 6.44
CA GLU A 150 40.33 -9.81 5.78
C GLU A 150 38.81 -9.87 5.75
N GLU A 151 38.23 -11.07 5.64
CA GLU A 151 36.78 -11.21 5.79
C GLU A 151 36.31 -10.55 7.09
N ALA A 152 36.97 -10.89 8.19
CA ALA A 152 36.56 -10.36 9.50
C ALA A 152 36.67 -8.85 9.53
N GLU A 153 37.79 -8.29 9.05
CA GLU A 153 37.94 -6.84 9.05
C GLU A 153 36.84 -6.18 8.21
N ILE A 154 36.55 -6.72 7.03
CA ILE A 154 35.51 -6.14 6.19
C ILE A 154 34.17 -6.20 6.90
N ILE A 155 33.84 -7.37 7.47
CA ILE A 155 32.56 -7.55 8.14
C ILE A 155 32.45 -6.63 9.36
N ARG A 156 33.51 -6.52 10.15
CA ARG A 156 33.47 -5.64 11.30
C ARG A 156 33.29 -4.18 10.89
N LYS A 157 33.97 -3.76 9.81
CA LYS A 157 33.80 -2.39 9.35
C LYS A 157 32.37 -2.14 8.86
N TYR A 158 31.78 -3.13 8.20
CA TYR A 158 30.37 -3.04 7.79
C TYR A 158 29.48 -2.82 9.01
N VAL A 159 29.68 -3.61 10.08
CA VAL A 159 28.95 -3.39 11.32
C VAL A 159 29.28 -2.02 11.91
N LYS A 160 30.56 -1.64 11.93
CA LYS A 160 30.95 -0.41 12.59
C LYS A 160 30.40 0.83 11.89
N ASN A 161 30.32 0.80 10.56
CA ASN A 161 30.01 2.00 9.79
C ASN A 161 28.52 2.22 9.54
N THR A 162 27.68 1.18 9.61
CA THR A 162 26.30 1.29 9.16
C THR A 162 25.30 1.20 10.31
N HIS A 163 25.69 1.68 11.50
CA HIS A 163 24.77 1.80 12.62
C HIS A 163 24.10 3.17 12.58
N ALA A 164 22.78 3.18 12.42
CA ALA A 164 22.04 4.43 12.25
C ALA A 164 21.99 5.22 13.56
N THR A 165 22.02 6.55 13.42
CA THR A 165 21.93 7.42 14.60
C THR A 165 20.59 7.23 15.32
N THR A 166 19.52 6.98 14.57
CA THR A 166 18.20 6.78 15.18
C THR A 166 18.07 5.44 15.88
N HIS A 167 19.10 4.60 15.82
CA HIS A 167 19.16 3.33 16.54
C HIS A 167 20.27 3.36 17.58
N ASN A 168 20.47 4.51 18.22
CA ASN A 168 21.59 4.72 19.13
C ASN A 168 21.26 4.35 20.57
N ALA A 169 20.16 3.64 20.81
CA ALA A 169 19.91 3.09 22.14
C ALA A 169 20.84 1.94 22.48
N TYR A 170 21.59 1.45 21.50
CA TYR A 170 22.56 0.38 21.71
C TYR A 170 23.65 0.48 20.65
N ASP A 171 24.78 -0.15 20.94
CA ASP A 171 25.80 -0.40 19.93
C ASP A 171 26.10 -1.89 19.89
N LEU A 172 26.79 -2.31 18.84
CA LEU A 172 26.92 -3.72 18.52
C LEU A 172 28.37 -4.17 18.65
N GLU A 173 28.56 -5.31 19.32
CA GLU A 173 29.85 -5.97 19.43
C GLU A 173 29.77 -7.31 18.72
N VAL A 174 30.68 -7.56 17.78
CA VAL A 174 30.72 -8.84 17.08
C VAL A 174 31.46 -9.85 17.95
N ILE A 175 30.78 -10.93 18.32
CA ILE A 175 31.38 -11.97 19.16
C ILE A 175 32.03 -13.01 18.27
N ASP A 176 31.22 -13.62 17.39
CA ASP A 176 31.69 -14.65 16.47
C ASP A 176 31.21 -14.34 15.06
N ILE A 177 32.06 -14.63 14.09
CA ILE A 177 31.71 -14.56 12.67
C ILE A 177 31.82 -15.96 12.09
N PHE A 178 30.71 -16.44 11.52
CA PHE A 178 30.63 -17.77 10.93
C PHE A 178 30.47 -17.66 9.43
N LYS A 179 31.20 -18.49 8.70
CA LYS A 179 30.98 -18.67 7.27
C LYS A 179 30.08 -19.88 7.10
N ILE A 180 28.93 -19.67 6.45
CA ILE A 180 27.90 -20.70 6.35
C ILE A 180 27.66 -21.05 4.89
N GLU A 181 27.43 -22.34 4.64
CA GLU A 181 27.17 -22.83 3.28
C GLU A 181 26.05 -23.86 3.38
N ARG A 182 24.84 -23.46 3.01
CA ARG A 182 23.71 -24.37 2.98
C ARG A 182 23.83 -25.35 1.82
N GLU A 183 23.50 -26.61 2.09
CA GLU A 183 23.53 -27.62 1.04
C GLU A 183 22.55 -27.26 -0.07
N GLY A 184 23.03 -27.33 -1.31
CA GLY A 184 22.22 -27.09 -2.48
C GLY A 184 21.94 -25.64 -2.81
N GLU A 185 22.33 -24.70 -1.93
CA GLU A 185 22.00 -23.31 -2.18
C GLU A 185 22.84 -22.74 -3.31
N CYS A 186 24.12 -23.15 -3.39
CA CYS A 186 24.98 -22.67 -4.46
C CYS A 186 24.44 -23.09 -5.83
N GLN A 187 24.00 -24.34 -5.96
CA GLN A 187 23.40 -24.79 -7.21
C GLN A 187 22.16 -23.98 -7.53
N ARG A 188 21.31 -23.74 -6.52
CA ARG A 188 20.09 -22.98 -6.75
C ARG A 188 20.37 -21.55 -7.20
N TYR A 189 21.52 -21.01 -6.82
CA TYR A 189 21.88 -19.63 -7.10
C TYR A 189 22.53 -19.43 -8.48
N LYS A 190 22.83 -20.52 -9.19
CA LYS A 190 23.62 -20.42 -10.42
C LYS A 190 23.04 -19.45 -11.45
N PRO A 191 21.73 -19.42 -11.71
CA PRO A 191 21.21 -18.48 -12.72
C PRO A 191 21.44 -17.01 -12.38
N PHE A 192 21.76 -16.69 -11.13
CA PHE A 192 21.94 -15.32 -10.68
C PHE A 192 23.37 -15.01 -10.25
N LYS A 193 24.27 -16.01 -10.26
CA LYS A 193 25.59 -15.81 -9.67
C LYS A 193 26.39 -14.73 -10.39
N GLN A 194 26.08 -14.49 -11.67
CA GLN A 194 26.78 -13.49 -12.47
C GLN A 194 25.97 -12.23 -12.68
N LEU A 195 24.75 -12.16 -12.14
CA LEU A 195 23.87 -11.03 -12.39
C LEU A 195 24.49 -9.74 -11.83
N HIS A 196 24.14 -8.62 -12.46
CA HIS A 196 24.64 -7.34 -12.00
C HIS A 196 23.90 -6.90 -10.74
N ASN A 197 24.54 -6.01 -9.99
CA ASN A 197 23.94 -5.48 -8.77
C ASN A 197 23.76 -6.58 -7.72
N ARG A 198 24.83 -7.35 -7.49
CA ARG A 198 24.86 -8.31 -6.40
C ARG A 198 25.50 -7.65 -5.19
N ARG A 199 24.82 -7.69 -4.05
CA ARG A 199 25.24 -6.96 -2.86
C ARG A 199 25.18 -7.85 -1.62
N LEU A 200 26.06 -7.56 -0.67
CA LEU A 200 26.06 -8.24 0.63
C LEU A 200 25.21 -7.43 1.59
N LEU A 201 24.08 -8.00 2.01
CA LEU A 201 23.09 -7.27 2.79
C LEU A 201 22.75 -8.02 4.07
N TRP A 202 22.25 -7.26 5.04
CA TRP A 202 21.90 -7.78 6.36
C TRP A 202 20.50 -8.37 6.36
N HIS A 203 20.31 -9.38 7.21
CA HIS A 203 18.98 -9.88 7.54
C HIS A 203 19.01 -10.35 8.99
N GLY A 204 18.34 -9.61 9.88
CA GLY A 204 18.21 -10.02 11.27
C GLY A 204 16.92 -10.78 11.53
N SER A 205 16.90 -11.48 12.65
CA SER A 205 15.69 -12.22 12.98
C SER A 205 15.85 -12.77 14.39
N ARG A 206 14.73 -13.14 15.00
CA ARG A 206 14.76 -13.78 16.30
C ARG A 206 15.61 -15.04 16.22
N THR A 207 16.36 -15.30 17.29
CA THR A 207 17.22 -16.48 17.33
C THR A 207 16.42 -17.75 17.10
N THR A 208 15.14 -17.75 17.46
CA THR A 208 14.30 -18.92 17.32
C THR A 208 13.96 -19.23 15.87
N ASN A 209 14.29 -18.34 14.94
CA ASN A 209 14.00 -18.57 13.52
C ASN A 209 15.18 -19.14 12.75
N PHE A 210 16.37 -19.23 13.37
CA PHE A 210 17.57 -19.55 12.61
C PHE A 210 17.75 -21.04 12.32
N ALA A 211 17.14 -21.93 13.13
CA ALA A 211 17.16 -23.33 12.74
C ALA A 211 16.38 -23.56 11.45
N GLY A 212 15.22 -22.90 11.31
CA GLY A 212 14.48 -22.99 10.06
C GLY A 212 15.21 -22.32 8.91
N ILE A 213 15.82 -21.15 9.16
CA ILE A 213 16.49 -20.41 8.10
C ILE A 213 17.70 -21.19 7.59
N LEU A 214 18.46 -21.83 8.49
CA LEU A 214 19.63 -22.57 8.05
C LEU A 214 19.25 -23.85 7.31
N SER A 215 18.26 -24.58 7.83
CA SER A 215 17.90 -25.86 7.21
C SER A 215 17.12 -25.67 5.92
N GLN A 216 16.29 -24.62 5.83
CA GLN A 216 15.45 -24.40 4.67
C GLN A 216 15.79 -23.15 3.89
N GLY A 217 16.70 -22.30 4.40
CA GLY A 217 17.01 -21.03 3.77
C GLY A 217 15.93 -19.99 4.04
N LEU A 218 16.23 -18.74 3.69
CA LEU A 218 15.22 -17.70 3.77
C LEU A 218 14.12 -18.02 2.77
N ARG A 219 12.87 -17.92 3.22
CA ARG A 219 11.70 -18.24 2.41
C ARG A 219 10.79 -17.02 2.31
N ILE A 220 9.91 -17.05 1.34
CA ILE A 220 8.83 -16.09 1.22
C ILE A 220 7.63 -16.56 2.05
N ALA A 221 6.82 -15.61 2.51
CA ALA A 221 5.65 -15.98 3.29
C ALA A 221 4.72 -16.85 2.46
N PRO A 222 4.01 -17.79 3.09
CA PRO A 222 3.24 -18.80 2.34
C PRO A 222 2.10 -18.17 1.57
N PRO A 223 1.51 -18.91 0.63
CA PRO A 223 0.44 -18.34 -0.20
C PRO A 223 -0.74 -17.82 0.61
N GLU A 224 -1.02 -18.41 1.78
CA GLU A 224 -2.17 -17.97 2.57
C GLU A 224 -1.95 -16.62 3.22
N ALA A 225 -0.70 -16.17 3.34
CA ALA A 225 -0.41 -14.92 4.04
C ALA A 225 -0.96 -13.72 3.26
N PRO A 226 -1.54 -12.74 3.94
CA PRO A 226 -2.04 -11.55 3.23
C PRO A 226 -0.90 -10.71 2.70
N VAL A 227 -0.93 -10.45 1.39
CA VAL A 227 0.13 -9.66 0.78
C VAL A 227 0.16 -8.25 1.37
N THR A 228 -0.99 -7.74 1.80
CA THR A 228 -1.07 -6.43 2.44
C THR A 228 -0.42 -6.40 3.82
N GLY A 229 0.06 -7.53 4.32
CA GLY A 229 0.76 -7.57 5.59
C GLY A 229 2.25 -7.29 5.49
N TYR A 230 2.75 -6.98 4.30
CA TYR A 230 4.16 -6.73 4.05
C TYR A 230 4.28 -5.50 3.17
N MET A 231 5.14 -4.56 3.58
CA MET A 231 5.13 -3.22 2.97
C MET A 231 5.34 -3.29 1.46
N PHE A 232 6.21 -4.18 1.00
CA PHE A 232 6.47 -4.36 -0.42
C PHE A 232 6.07 -5.75 -0.90
N GLY A 233 5.03 -6.32 -0.29
CA GLY A 233 4.57 -7.63 -0.70
C GLY A 233 5.40 -8.76 -0.12
N LYS A 234 5.09 -9.97 -0.59
CA LYS A 234 5.68 -11.19 -0.03
C LYS A 234 7.00 -11.48 -0.73
N GLY A 235 8.08 -10.97 -0.15
CA GLY A 235 9.42 -11.29 -0.60
C GLY A 235 10.34 -11.51 0.59
N ILE A 236 11.65 -11.56 0.34
CA ILE A 236 12.67 -11.64 1.38
C ILE A 236 13.33 -10.28 1.49
N TYR A 237 13.37 -9.74 2.71
CA TYR A 237 13.74 -8.35 2.97
C TYR A 237 15.15 -8.25 3.54
N PHE A 238 15.88 -7.24 3.08
CA PHE A 238 17.27 -7.02 3.46
C PHE A 238 17.50 -5.54 3.70
N ALA A 239 18.56 -5.23 4.44
CA ALA A 239 18.94 -3.85 4.72
C ALA A 239 20.44 -3.67 4.51
N ASP A 240 20.84 -2.44 4.23
CA ASP A 240 22.25 -2.10 4.13
C ASP A 240 22.75 -1.33 5.34
N MET A 241 21.91 -1.13 6.35
CA MET A 241 22.31 -0.58 7.64
C MET A 241 22.20 -1.69 8.67
N VAL A 242 23.31 -2.01 9.32
CA VAL A 242 23.33 -3.16 10.24
C VAL A 242 22.28 -2.98 11.33
N SER A 243 22.11 -1.75 11.83
CA SER A 243 21.19 -1.53 12.95
C SER A 243 19.74 -1.72 12.53
N LYS A 244 19.41 -1.41 11.28
CA LYS A 244 18.05 -1.64 10.81
C LYS A 244 17.71 -3.13 10.85
N SER A 245 18.64 -3.98 10.42
CA SER A 245 18.39 -5.41 10.49
C SER A 245 18.52 -5.93 11.92
N ALA A 246 19.47 -5.37 12.68
CA ALA A 246 19.70 -5.83 14.05
C ALA A 246 18.49 -5.60 14.94
N ASN A 247 17.68 -4.58 14.64
CA ASN A 247 16.47 -4.35 15.43
C ASN A 247 15.53 -5.54 15.38
N TYR A 248 15.58 -6.33 14.31
CA TYR A 248 14.67 -7.47 14.19
C TYR A 248 15.16 -8.70 14.94
N CYS A 249 16.32 -8.63 15.60
CA CYS A 249 16.72 -9.69 16.52
C CYS A 249 15.84 -9.71 17.77
N HIS A 250 15.20 -8.58 18.09
CA HIS A 250 14.38 -8.46 19.30
C HIS A 250 15.16 -8.83 20.56
N THR A 251 16.40 -8.35 20.66
CA THR A 251 17.14 -8.52 21.90
C THR A 251 16.70 -7.48 22.93
N SER A 252 17.19 -7.66 24.15
CA SER A 252 16.85 -6.76 25.25
C SER A 252 17.90 -6.90 26.34
N GLN A 253 17.80 -6.04 27.35
CA GLN A 253 18.70 -6.17 28.51
C GLN A 253 18.62 -7.58 29.09
N GLY A 254 17.44 -8.19 29.08
CA GLY A 254 17.24 -9.52 29.59
C GLY A 254 17.66 -10.65 28.65
N ASP A 255 18.09 -10.31 27.44
CA ASP A 255 18.57 -11.28 26.47
C ASP A 255 19.38 -10.54 25.41
N PRO A 256 20.60 -10.13 25.71
CA PRO A 256 21.35 -9.22 24.83
C PRO A 256 22.11 -9.89 23.68
N ILE A 257 21.95 -11.20 23.47
CA ILE A 257 22.69 -11.92 22.44
C ILE A 257 21.77 -12.22 21.26
N GLY A 258 22.18 -11.81 20.07
CA GLY A 258 21.39 -12.01 18.88
C GLY A 258 22.22 -12.51 17.72
N LEU A 259 21.52 -12.91 16.66
CA LEU A 259 22.12 -13.46 15.46
C LEU A 259 21.66 -12.64 14.26
N ILE A 260 22.58 -12.41 13.33
CA ILE A 260 22.26 -11.68 12.10
C ILE A 260 22.95 -12.35 10.93
N LEU A 261 22.32 -12.27 9.76
CA LEU A 261 22.79 -12.90 8.54
C LEU A 261 23.40 -11.86 7.60
N LEU A 262 24.43 -12.28 6.88
CA LEU A 262 24.90 -11.59 5.69
C LEU A 262 24.69 -12.50 4.50
N GLY A 263 23.98 -12.01 3.50
CA GLY A 263 23.70 -12.80 2.31
C GLY A 263 24.02 -12.03 1.06
N GLU A 264 24.55 -12.74 0.07
CA GLU A 264 24.71 -12.20 -1.27
C GLU A 264 23.34 -12.19 -1.96
N VAL A 265 22.86 -11.01 -2.32
CA VAL A 265 21.54 -10.84 -2.90
C VAL A 265 21.71 -10.32 -4.32
N ALA A 266 21.14 -11.05 -5.28
CA ALA A 266 21.19 -10.66 -6.69
C ALA A 266 20.05 -9.69 -6.96
N LEU A 267 20.37 -8.40 -6.90
CA LEU A 267 19.34 -7.37 -7.04
C LEU A 267 19.04 -7.06 -8.50
N GLY A 268 20.08 -7.02 -9.34
CA GLY A 268 19.87 -6.72 -10.74
C GLY A 268 19.21 -5.37 -10.94
N ASN A 269 18.24 -5.34 -11.85
CA ASN A 269 17.49 -4.12 -12.12
C ASN A 269 16.44 -3.93 -11.04
N MET A 270 16.58 -2.86 -10.26
CA MET A 270 15.77 -2.64 -9.07
C MET A 270 14.54 -1.79 -9.39
N TYR A 271 13.40 -2.22 -8.88
CA TYR A 271 12.17 -1.41 -8.91
C TYR A 271 12.20 -0.51 -7.68
N GLU A 272 12.39 0.79 -7.90
CA GLU A 272 12.65 1.71 -6.80
C GLU A 272 11.35 2.38 -6.36
N LEU A 273 11.02 2.25 -5.07
CA LEU A 273 9.76 2.72 -4.53
C LEU A 273 10.01 3.51 -3.25
N LYS A 274 9.13 4.49 -3.01
CA LYS A 274 9.20 5.34 -1.83
C LYS A 274 8.14 5.02 -0.80
N HIS A 275 7.06 4.33 -1.20
CA HIS A 275 5.92 4.09 -0.32
C HIS A 275 5.41 2.68 -0.53
N ALA A 276 4.51 2.26 0.36
CA ALA A 276 4.04 0.89 0.39
C ALA A 276 3.45 0.48 -0.96
N SER A 277 3.76 -0.76 -1.37
CA SER A 277 3.22 -1.32 -2.61
C SER A 277 3.14 -2.83 -2.40
N HIS A 278 1.94 -3.33 -2.12
CA HIS A 278 1.76 -4.75 -1.78
C HIS A 278 1.60 -5.55 -3.07
N ILE A 279 2.71 -5.75 -3.75
CA ILE A 279 2.73 -6.35 -5.09
C ILE A 279 2.89 -7.86 -5.00
N SER A 280 2.30 -8.55 -5.97
CA SER A 280 2.44 -9.99 -6.11
C SER A 280 3.64 -10.37 -6.97
N LYS A 281 3.83 -9.67 -8.09
CA LYS A 281 4.96 -9.89 -8.98
C LYS A 281 5.65 -8.56 -9.25
N LEU A 282 6.90 -8.65 -9.69
CA LEU A 282 7.63 -7.47 -10.15
C LEU A 282 7.20 -7.09 -11.57
N PRO A 283 7.30 -5.81 -11.93
CA PRO A 283 7.09 -5.43 -13.33
C PRO A 283 8.08 -6.15 -14.23
N LYS A 284 7.77 -6.16 -15.52
CA LYS A 284 8.61 -6.86 -16.48
C LYS A 284 10.03 -6.32 -16.45
N GLY A 285 11.01 -7.23 -16.45
CA GLY A 285 12.40 -6.85 -16.48
C GLY A 285 13.00 -6.45 -15.15
N LYS A 286 12.21 -6.44 -14.08
CA LYS A 286 12.67 -6.06 -12.76
C LYS A 286 13.01 -7.30 -11.96
N HIS A 287 14.14 -7.25 -11.23
CA HIS A 287 14.60 -8.39 -10.45
C HIS A 287 14.40 -8.23 -8.96
N SER A 288 14.19 -7.00 -8.48
CA SER A 288 14.05 -6.74 -7.05
C SER A 288 13.38 -5.39 -6.88
N VAL A 289 13.01 -5.10 -5.64
CA VAL A 289 12.51 -3.80 -5.24
C VAL A 289 13.50 -3.18 -4.28
N LYS A 290 13.72 -1.88 -4.41
CA LYS A 290 14.53 -1.13 -3.46
C LYS A 290 13.66 -0.05 -2.85
N GLY A 291 13.36 -0.19 -1.56
CA GLY A 291 12.76 0.90 -0.81
C GLY A 291 13.78 2.00 -0.60
N LEU A 292 13.49 3.19 -1.13
CA LEU A 292 14.46 4.29 -1.12
C LEU A 292 14.43 4.98 0.23
N GLY A 293 15.54 4.88 0.96
CA GLY A 293 15.64 5.55 2.23
C GLY A 293 16.17 6.97 2.10
N LYS A 294 15.88 7.77 3.12
CA LYS A 294 16.48 9.11 3.21
C LYS A 294 17.98 9.02 3.34
N THR A 295 18.48 8.05 4.11
CA THR A 295 19.89 7.86 4.36
C THR A 295 20.38 6.59 3.65
N THR A 296 21.57 6.68 3.06
CA THR A 296 22.18 5.53 2.42
C THR A 296 23.66 5.49 2.75
N PRO A 297 24.25 4.29 2.80
CA PRO A 297 25.72 4.22 2.94
C PRO A 297 26.39 4.92 1.79
N ASP A 298 27.47 5.64 2.09
CA ASP A 298 28.18 6.42 1.09
C ASP A 298 28.53 5.55 -0.11
N PRO A 299 27.96 5.83 -1.30
CA PRO A 299 28.27 4.98 -2.46
C PRO A 299 29.74 4.88 -2.78
N SER A 300 30.50 5.98 -2.62
CA SER A 300 31.92 5.95 -2.94
C SER A 300 32.72 5.05 -2.01
N ALA A 301 32.15 4.63 -0.89
CA ALA A 301 32.84 3.78 0.06
C ALA A 301 32.61 2.29 -0.21
N ASN A 302 31.90 1.94 -1.28
CA ASN A 302 31.69 0.54 -1.60
C ASN A 302 33.02 -0.17 -1.84
N ILE A 303 33.11 -1.41 -1.36
CA ILE A 303 34.28 -2.25 -1.59
C ILE A 303 33.77 -3.61 -2.07
N SER A 304 34.70 -4.41 -2.57
CA SER A 304 34.41 -5.72 -3.15
C SER A 304 34.93 -6.82 -2.24
N LEU A 305 34.07 -7.80 -1.96
CA LEU A 305 34.45 -9.01 -1.21
C LEU A 305 33.98 -10.21 -2.01
N ASP A 306 34.91 -10.98 -2.55
CA ASP A 306 34.57 -12.15 -3.36
C ASP A 306 33.64 -11.78 -4.50
N GLY A 307 33.92 -10.64 -5.14
CA GLY A 307 33.15 -10.21 -6.28
C GLY A 307 31.80 -9.59 -5.98
N VAL A 308 31.47 -9.40 -4.71
CA VAL A 308 30.17 -8.89 -4.30
C VAL A 308 30.39 -7.52 -3.66
N ASP A 309 29.55 -6.55 -4.04
CA ASP A 309 29.65 -5.21 -3.49
C ASP A 309 29.22 -5.18 -2.03
N VAL A 310 30.03 -4.56 -1.19
CA VAL A 310 29.72 -4.37 0.23
C VAL A 310 29.48 -2.88 0.45
N PRO A 311 28.25 -2.45 0.72
CA PRO A 311 27.97 -1.03 0.92
C PRO A 311 28.23 -0.61 2.37
N LEU A 312 29.50 -0.66 2.78
CA LEU A 312 29.86 -0.40 4.17
C LEU A 312 30.20 1.06 4.43
N GLY A 313 29.90 1.96 3.49
CA GLY A 313 30.16 3.38 3.72
C GLY A 313 29.31 3.95 4.82
N THR A 314 29.79 5.06 5.40
CA THR A 314 29.04 5.75 6.44
C THR A 314 27.73 6.30 5.87
N GLY A 315 26.72 6.40 6.72
CA GLY A 315 25.42 6.88 6.28
C GLY A 315 25.46 8.35 5.87
N ILE A 316 24.90 8.64 4.69
CA ILE A 316 24.77 10.01 4.20
C ILE A 316 23.39 10.15 3.55
N SER A 317 23.03 11.40 3.25
CA SER A 317 21.75 11.66 2.62
C SER A 317 21.73 11.07 1.21
N SER A 318 20.64 10.40 0.87
CA SER A 318 20.48 9.84 -0.47
C SER A 318 20.02 10.86 -1.50
N GLY A 319 19.55 12.02 -1.07
CA GLY A 319 18.94 12.96 -1.97
C GLY A 319 17.49 12.66 -2.31
N VAL A 320 16.94 11.58 -1.78
CA VAL A 320 15.56 11.17 -2.05
C VAL A 320 14.63 11.92 -1.09
N ASN A 321 13.62 12.59 -1.65
CA ASN A 321 12.67 13.38 -0.88
C ASN A 321 11.33 12.67 -0.84
N ASP A 322 10.56 12.95 0.20
CA ASP A 322 9.18 12.45 0.34
C ASP A 322 9.14 10.93 0.20
N THR A 323 9.83 10.26 1.12
CA THR A 323 9.85 8.81 1.16
C THR A 323 9.39 8.35 2.54
N SER A 324 8.83 7.13 2.57
CA SER A 324 8.35 6.55 3.82
C SER A 324 9.46 5.88 4.61
N LEU A 325 10.64 5.73 4.03
CA LEU A 325 11.72 4.95 4.61
C LEU A 325 12.84 5.87 5.05
N LEU A 326 13.27 5.73 6.31
CA LEU A 326 14.46 6.42 6.76
C LEU A 326 15.73 5.82 6.14
N TYR A 327 15.73 4.51 5.92
CA TYR A 327 16.90 3.80 5.40
C TYR A 327 16.43 2.83 4.32
N ASN A 328 17.38 2.44 3.45
CA ASN A 328 17.04 1.56 2.35
C ASN A 328 16.54 0.20 2.85
N GLU A 329 15.92 -0.53 1.94
CA GLU A 329 15.70 -1.95 2.15
C GLU A 329 15.49 -2.58 0.79
N TYR A 330 15.77 -3.87 0.70
CA TYR A 330 15.84 -4.59 -0.57
C TYR A 330 14.99 -5.85 -0.46
N ILE A 331 14.16 -6.10 -1.47
CA ILE A 331 13.24 -7.23 -1.46
C ILE A 331 13.41 -8.00 -2.76
N VAL A 332 13.58 -9.32 -2.64
CA VAL A 332 13.53 -10.22 -3.79
C VAL A 332 12.36 -11.17 -3.59
N TYR A 333 11.75 -11.57 -4.71
CA TYR A 333 10.54 -12.37 -4.70
C TYR A 333 10.77 -13.76 -5.26
N ASP A 334 12.03 -14.14 -5.46
CA ASP A 334 12.43 -15.48 -5.84
C ASP A 334 13.49 -15.95 -4.86
N ILE A 335 13.19 -17.01 -4.09
CA ILE A 335 14.11 -17.46 -3.06
C ILE A 335 15.46 -17.85 -3.62
N ALA A 336 15.54 -18.16 -4.91
CA ALA A 336 16.79 -18.54 -5.55
C ALA A 336 17.76 -17.37 -5.72
N GLN A 337 17.33 -16.14 -5.46
CA GLN A 337 18.20 -14.99 -5.64
C GLN A 337 19.01 -14.65 -4.40
N VAL A 338 19.04 -15.52 -3.40
CA VAL A 338 19.77 -15.31 -2.15
C VAL A 338 20.77 -16.44 -1.98
N ASN A 339 22.03 -16.09 -1.69
CA ASN A 339 23.08 -17.05 -1.35
C ASN A 339 23.66 -16.61 -0.01
N LEU A 340 23.26 -17.28 1.07
CA LEU A 340 23.73 -16.89 2.41
C LEU A 340 25.22 -17.12 2.54
N LYS A 341 25.90 -16.13 3.14
CA LYS A 341 27.36 -16.12 3.21
C LYS A 341 27.89 -16.17 4.64
N TYR A 342 27.32 -15.39 5.56
CA TYR A 342 27.89 -15.29 6.89
C TYR A 342 26.77 -15.22 7.92
N LEU A 343 27.09 -15.65 9.15
CA LEU A 343 26.21 -15.56 10.29
C LEU A 343 27.02 -14.98 11.44
N LEU A 344 26.57 -13.85 11.98
CA LEU A 344 27.28 -13.18 13.07
C LEU A 344 26.51 -13.35 14.37
N LYS A 345 27.24 -13.59 15.45
CA LYS A 345 26.70 -13.56 16.80
C LYS A 345 27.03 -12.21 17.41
N LEU A 346 26.00 -11.50 17.85
CA LEU A 346 26.14 -10.11 18.27
C LEU A 346 25.77 -9.94 19.74
N LYS A 347 26.55 -9.13 20.45
CA LYS A 347 26.22 -8.68 21.79
C LYS A 347 25.67 -7.26 21.68
N PHE A 348 24.45 -7.06 22.18
CA PHE A 348 23.83 -5.75 22.22
C PHE A 348 24.16 -5.10 23.56
N ASN A 349 24.92 -4.01 23.52
CA ASN A 349 25.18 -3.20 24.72
C ASN A 349 24.17 -2.06 24.72
N PHE A 350 23.14 -2.18 25.55
CA PHE A 350 22.11 -1.15 25.63
C PHE A 350 22.59 0.01 26.50
N LYS A 351 22.40 1.22 25.99
CA LYS A 351 22.85 2.43 26.68
C LYS A 351 21.76 3.04 27.57
N THR A 352 20.60 2.39 27.65
CA THR A 352 19.51 2.87 28.49
C THR A 352 19.64 2.30 29.90
N LYS B 3 -32.87 36.71 -21.08
CA LYS B 3 -33.21 35.29 -21.19
C LYS B 3 -32.31 34.57 -22.20
N SER B 4 -31.63 33.53 -21.73
CA SER B 4 -30.77 32.74 -22.59
C SER B 4 -31.59 31.96 -23.60
N LYS B 5 -30.97 31.70 -24.76
CA LYS B 5 -31.57 30.85 -25.78
C LYS B 5 -30.97 29.44 -25.77
N LEU B 6 -30.15 29.12 -24.78
CA LEU B 6 -29.59 27.78 -24.66
C LEU B 6 -30.70 26.75 -24.48
N PRO B 7 -30.49 25.51 -24.90
CA PRO B 7 -31.49 24.47 -24.67
C PRO B 7 -31.79 24.33 -23.19
N LYS B 8 -33.06 24.12 -22.87
CA LYS B 8 -33.47 24.03 -21.48
C LYS B 8 -32.64 23.02 -20.68
N PRO B 9 -32.36 21.81 -21.17
CA PRO B 9 -31.51 20.90 -20.40
C PRO B 9 -30.14 21.46 -20.09
N VAL B 10 -29.55 22.22 -21.01
CA VAL B 10 -28.24 22.81 -20.76
C VAL B 10 -28.33 23.91 -19.70
N GLN B 11 -29.39 24.72 -19.77
CA GLN B 11 -29.59 25.75 -18.75
C GLN B 11 -29.72 25.13 -17.37
N ASP B 12 -30.52 24.07 -17.24
CA ASP B 12 -30.69 23.43 -15.94
C ASP B 12 -29.36 22.88 -15.42
N LEU B 13 -28.53 22.33 -16.32
CA LEU B 13 -27.21 21.86 -15.93
C LEU B 13 -26.36 23.00 -15.38
N ILE B 14 -26.39 24.16 -16.05
CA ILE B 14 -25.60 25.30 -15.61
C ILE B 14 -26.04 25.75 -14.22
N LYS B 15 -27.36 25.85 -14.02
CA LYS B 15 -27.88 26.22 -12.71
C LYS B 15 -27.42 25.26 -11.64
N MET B 16 -27.49 23.96 -11.93
CA MET B 16 -27.07 22.95 -10.97
C MET B 16 -25.58 23.09 -10.64
N ILE B 17 -24.76 23.30 -11.67
CA ILE B 17 -23.31 23.31 -11.50
C ILE B 17 -22.86 24.49 -10.63
N PHE B 18 -23.46 25.66 -10.84
CA PHE B 18 -23.01 26.87 -10.17
C PHE B 18 -23.81 27.20 -8.90
N ASP B 19 -24.68 26.28 -8.46
CA ASP B 19 -25.46 26.52 -7.25
C ASP B 19 -24.56 26.77 -6.05
N VAL B 20 -24.57 28.01 -5.53
CA VAL B 20 -23.74 28.36 -4.38
C VAL B 20 -24.24 27.65 -3.12
N GLU B 21 -25.56 27.55 -2.96
CA GLU B 21 -26.09 26.85 -1.80
C GLU B 21 -25.68 25.39 -1.80
N SER B 22 -25.54 24.77 -2.98
CA SER B 22 -25.04 23.40 -3.03
C SER B 22 -23.62 23.31 -2.51
N MET B 23 -22.79 24.31 -2.80
CA MET B 23 -21.43 24.34 -2.29
C MET B 23 -21.42 24.41 -0.77
N LYS B 24 -22.25 25.28 -0.19
CA LYS B 24 -22.31 25.41 1.25
C LYS B 24 -22.78 24.11 1.91
N LYS B 25 -23.81 23.49 1.33
CA LYS B 25 -24.37 22.27 1.93
C LYS B 25 -23.33 21.15 1.95
N ALA B 26 -22.50 21.06 0.91
CA ALA B 26 -21.42 20.08 0.92
C ALA B 26 -20.44 20.33 2.06
N MET B 27 -20.09 21.60 2.30
CA MET B 27 -19.20 21.93 3.41
C MET B 27 -19.82 21.55 4.75
N VAL B 28 -21.13 21.80 4.91
CA VAL B 28 -21.82 21.34 6.10
C VAL B 28 -21.84 19.81 6.15
N GLU B 29 -21.95 19.16 4.99
CA GLU B 29 -21.90 17.70 4.94
C GLU B 29 -20.61 17.17 5.56
N TYR B 30 -19.49 17.88 5.35
CA TYR B 30 -18.24 17.53 5.98
C TYR B 30 -18.13 18.07 7.40
N GLU B 31 -19.17 18.70 7.92
CA GLU B 31 -19.19 19.27 9.27
C GLU B 31 -18.26 20.46 9.43
N ILE B 32 -17.93 21.12 8.33
CA ILE B 32 -17.15 22.35 8.39
C ILE B 32 -17.96 23.44 9.08
N ASP B 33 -17.25 24.36 9.74
CA ASP B 33 -17.86 25.46 10.50
C ASP B 33 -18.03 26.64 9.55
N LEU B 34 -19.22 26.76 8.96
CA LEU B 34 -19.49 27.85 8.03
C LEU B 34 -19.41 29.21 8.70
N GLN B 35 -19.79 29.28 9.99
CA GLN B 35 -19.69 30.56 10.70
C GLN B 35 -18.25 31.04 10.80
N LYS B 36 -17.33 30.13 11.11
CA LYS B 36 -15.92 30.51 11.25
C LYS B 36 -15.24 30.63 9.90
N MET B 37 -15.57 29.75 8.96
CA MET B 37 -14.93 29.75 7.64
C MET B 37 -16.01 29.71 6.56
N PRO B 38 -16.59 30.86 6.23
CA PRO B 38 -17.60 30.90 5.17
C PRO B 38 -17.00 30.50 3.82
N LEU B 39 -17.89 30.28 2.86
CA LEU B 39 -17.46 29.89 1.52
C LEU B 39 -16.48 30.89 0.93
N GLY B 40 -16.69 32.17 1.19
CA GLY B 40 -15.82 33.21 0.64
C GLY B 40 -14.42 33.22 1.23
N LYS B 41 -14.24 32.66 2.44
CA LYS B 41 -12.92 32.63 3.08
C LYS B 41 -12.08 31.44 2.67
N LEU B 42 -12.68 30.46 1.98
CA LEU B 42 -11.94 29.29 1.53
C LEU B 42 -10.91 29.70 0.48
N SER B 43 -9.67 29.25 0.66
CA SER B 43 -8.59 29.62 -0.23
C SER B 43 -7.78 28.40 -0.61
N LYS B 44 -7.19 28.46 -1.81
CA LYS B 44 -6.40 27.32 -2.28
C LYS B 44 -5.16 27.13 -1.41
N ARG B 45 -4.49 28.21 -1.02
CA ARG B 45 -3.29 28.10 -0.20
C ARG B 45 -3.63 27.49 1.16
N GLN B 46 -4.77 27.86 1.74
CA GLN B 46 -5.23 27.20 2.95
C GLN B 46 -5.41 25.70 2.73
N ILE B 47 -6.05 25.32 1.63
CA ILE B 47 -6.26 23.91 1.33
C ILE B 47 -4.93 23.20 1.14
N GLN B 48 -4.00 23.83 0.42
CA GLN B 48 -2.68 23.24 0.24
C GLN B 48 -1.99 23.02 1.57
N ALA B 49 -2.09 24.00 2.47
CA ALA B 49 -1.50 23.85 3.80
C ALA B 49 -2.12 22.66 4.54
N ALA B 50 -3.44 22.51 4.46
CA ALA B 50 -4.10 21.39 5.10
C ALA B 50 -3.60 20.06 4.52
N TYR B 51 -3.41 20.01 3.20
CA TYR B 51 -2.80 18.84 2.58
C TYR B 51 -1.43 18.55 3.19
N SER B 52 -0.62 19.59 3.38
CA SER B 52 0.73 19.39 3.92
C SER B 52 0.67 18.79 5.31
N ILE B 53 -0.29 19.22 6.14
CA ILE B 53 -0.42 18.65 7.48
C ILE B 53 -0.70 17.16 7.38
N LEU B 54 -1.60 16.75 6.49
CA LEU B 54 -1.89 15.33 6.32
C LEU B 54 -0.65 14.58 5.82
N SER B 55 0.16 15.21 4.98
CA SER B 55 1.42 14.58 4.58
C SER B 55 2.36 14.44 5.75
N GLU B 56 2.42 15.47 6.62
CA GLU B 56 3.25 15.36 7.81
C GLU B 56 2.76 14.22 8.69
N VAL B 57 1.45 14.06 8.82
CA VAL B 57 0.92 12.91 9.55
C VAL B 57 1.39 11.62 8.89
N GLN B 58 1.34 11.56 7.56
CA GLN B 58 1.79 10.38 6.83
C GLN B 58 3.22 10.03 7.20
N GLN B 59 4.13 11.00 7.15
CA GLN B 59 5.52 10.73 7.50
C GLN B 59 5.64 10.29 8.96
N ALA B 60 4.91 10.94 9.87
CA ALA B 60 4.98 10.54 11.28
C ALA B 60 4.49 9.12 11.48
N VAL B 61 3.40 8.75 10.83
CA VAL B 61 2.88 7.39 10.95
C VAL B 61 3.91 6.37 10.45
N SER B 62 4.53 6.66 9.30
CA SER B 62 5.47 5.70 8.74
C SER B 62 6.75 5.60 9.56
N GLN B 63 7.09 6.65 10.30
CA GLN B 63 8.33 6.67 11.06
C GLN B 63 8.19 6.04 12.45
N GLY B 64 6.99 5.63 12.84
CA GLY B 64 6.81 4.73 13.98
C GLY B 64 6.62 5.27 15.39
N SER B 65 7.44 6.22 15.82
CA SER B 65 7.39 6.67 17.20
C SER B 65 7.12 8.17 17.30
N SER B 66 6.14 8.67 16.56
CA SER B 66 5.80 10.08 16.56
C SER B 66 4.34 10.29 16.96
N ASP B 67 3.78 9.34 17.72
CA ASP B 67 2.35 9.40 18.03
C ASP B 67 1.99 10.72 18.70
N SER B 68 2.86 11.24 19.56
CA SER B 68 2.58 12.51 20.23
C SER B 68 2.47 13.64 19.21
N GLN B 69 3.36 13.65 18.22
CA GLN B 69 3.28 14.70 17.21
C GLN B 69 2.00 14.58 16.40
N ILE B 70 1.49 13.37 16.22
CA ILE B 70 0.29 13.18 15.42
C ILE B 70 -0.91 13.84 16.08
N LEU B 71 -0.97 13.82 17.42
CA LEU B 71 -2.03 14.52 18.10
C LEU B 71 -1.95 16.03 17.85
N ASP B 72 -0.74 16.60 17.91
CA ASP B 72 -0.58 18.02 17.65
C ASP B 72 -0.96 18.36 16.23
N LEU B 73 -0.54 17.52 15.27
CA LEU B 73 -0.91 17.75 13.88
C LEU B 73 -2.42 17.66 13.69
N SER B 74 -3.06 16.69 14.35
CA SER B 74 -4.51 16.56 14.26
C SER B 74 -5.20 17.82 14.77
N ASN B 75 -4.75 18.34 15.92
CA ASN B 75 -5.33 19.57 16.44
C ASN B 75 -5.10 20.73 15.49
N ARG B 76 -3.90 20.82 14.92
CA ARG B 76 -3.59 21.92 14.02
C ARG B 76 -4.38 21.82 12.72
N PHE B 77 -4.69 20.61 12.26
CA PHE B 77 -5.57 20.48 11.11
C PHE B 77 -6.94 21.08 11.42
N TYR B 78 -7.50 20.75 12.58
CA TYR B 78 -8.81 21.26 12.97
C TYR B 78 -8.77 22.74 13.34
N THR B 79 -7.59 23.33 13.48
CA THR B 79 -7.48 24.76 13.66
C THR B 79 -7.39 25.49 12.32
N LEU B 80 -6.69 24.90 11.35
CA LEU B 80 -6.63 25.50 10.02
C LEU B 80 -7.97 25.42 9.31
N ILE B 81 -8.63 24.26 9.37
CA ILE B 81 -9.95 24.07 8.78
C ILE B 81 -10.96 23.90 9.92
N PRO B 82 -11.58 24.98 10.40
CA PRO B 82 -12.49 24.85 11.54
C PRO B 82 -13.69 23.96 11.20
N HIS B 83 -13.92 22.97 12.07
CA HIS B 83 -15.06 22.07 12.01
C HIS B 83 -15.99 22.37 13.17
N ASP B 84 -17.25 21.96 13.02
CA ASP B 84 -18.25 22.09 14.08
C ASP B 84 -18.86 20.71 14.31
N PHE B 85 -18.34 20.00 15.30
CA PHE B 85 -18.85 18.69 15.69
C PHE B 85 -19.79 18.76 16.89
N GLY B 86 -20.18 19.95 17.31
CA GLY B 86 -21.11 20.05 18.44
C GLY B 86 -20.50 19.47 19.70
N MET B 87 -21.20 18.51 20.29
CA MET B 87 -20.78 17.88 21.53
C MET B 87 -19.88 16.68 21.33
N LYS B 88 -19.67 16.25 20.08
CA LYS B 88 -18.87 15.07 19.79
C LYS B 88 -17.40 15.43 19.62
N LYS B 89 -16.54 14.46 19.89
CA LYS B 89 -15.11 14.66 19.70
C LYS B 89 -14.80 14.62 18.21
N PRO B 90 -14.07 15.60 17.69
CA PRO B 90 -13.60 15.52 16.31
C PRO B 90 -12.75 14.28 16.12
N PRO B 91 -12.88 13.61 14.98
CA PRO B 91 -12.08 12.39 14.74
C PRO B 91 -10.60 12.67 14.81
N LEU B 92 -9.89 11.92 15.65
CA LEU B 92 -8.45 12.05 15.73
C LEU B 92 -7.81 11.44 14.49
N LEU B 93 -6.82 12.15 13.96
CA LEU B 93 -6.16 11.77 12.71
C LEU B 93 -4.91 10.92 12.97
N ASN B 94 -5.10 9.76 13.62
CA ASN B 94 -3.99 8.82 13.84
C ASN B 94 -4.17 7.49 13.11
N ASN B 95 -5.23 7.34 12.31
CA ASN B 95 -5.51 6.11 11.62
C ASN B 95 -5.82 6.43 10.16
N ALA B 96 -5.62 5.43 9.30
CA ALA B 96 -5.80 5.64 7.87
C ALA B 96 -7.21 6.06 7.53
N ASP B 97 -8.22 5.44 8.17
CA ASP B 97 -9.60 5.79 7.87
C ASP B 97 -9.88 7.24 8.18
N SER B 98 -9.40 7.72 9.33
CA SER B 98 -9.56 9.14 9.67
C SER B 98 -8.79 10.02 8.70
N VAL B 99 -7.52 9.70 8.48
CA VAL B 99 -6.73 10.48 7.51
C VAL B 99 -7.34 10.37 6.12
N GLN B 100 -7.86 9.19 5.78
CA GLN B 100 -8.46 9.01 4.47
C GLN B 100 -9.65 9.94 4.26
N ALA B 101 -10.50 10.07 5.28
CA ALA B 101 -11.67 10.92 5.17
C ALA B 101 -11.29 12.37 4.92
N LYS B 102 -10.27 12.86 5.63
CA LYS B 102 -9.86 14.25 5.48
C LYS B 102 -9.25 14.51 4.11
N VAL B 103 -8.48 13.54 3.59
CA VAL B 103 -7.90 13.70 2.25
C VAL B 103 -9.00 13.89 1.22
N GLU B 104 -10.03 13.04 1.28
CA GLU B 104 -11.12 13.14 0.33
C GLU B 104 -11.86 14.47 0.49
N MET B 105 -12.08 14.90 1.73
CA MET B 105 -12.74 16.18 1.94
C MET B 105 -11.97 17.32 1.29
N LEU B 106 -10.63 17.31 1.44
CA LEU B 106 -9.80 18.33 0.82
C LEU B 106 -9.89 18.28 -0.70
N ASP B 107 -9.94 17.08 -1.28
CA ASP B 107 -10.12 16.96 -2.72
C ASP B 107 -11.38 17.67 -3.17
N ASN B 108 -12.46 17.54 -2.40
CA ASN B 108 -13.72 18.19 -2.76
C ASN B 108 -13.68 19.68 -2.47
N LEU B 109 -13.02 20.11 -1.39
CA LEU B 109 -12.88 21.54 -1.14
C LEU B 109 -12.10 22.23 -2.26
N LEU B 110 -11.06 21.57 -2.77
CA LEU B 110 -10.26 22.16 -3.82
C LEU B 110 -11.11 22.53 -5.02
N ASP B 111 -12.00 21.61 -5.44
CA ASP B 111 -12.87 21.89 -6.58
C ASP B 111 -13.95 22.89 -6.23
N ILE B 112 -14.39 22.94 -4.97
CA ILE B 112 -15.40 23.92 -4.58
C ILE B 112 -14.82 25.33 -4.65
N GLU B 113 -13.57 25.50 -4.20
CA GLU B 113 -12.91 26.79 -4.31
C GLU B 113 -12.79 27.23 -5.77
N VAL B 114 -12.45 26.30 -6.66
CA VAL B 114 -12.35 26.63 -8.08
C VAL B 114 -13.69 27.12 -8.62
N ALA B 115 -14.78 26.43 -8.25
CA ALA B 115 -16.10 26.83 -8.73
C ALA B 115 -16.48 28.22 -8.23
N TYR B 116 -16.31 28.47 -6.93
CA TYR B 116 -16.67 29.78 -6.40
C TYR B 116 -15.78 30.88 -6.99
N SER B 117 -14.49 30.60 -7.13
CA SER B 117 -13.58 31.57 -7.73
C SER B 117 -14.00 31.88 -9.16
N LEU B 118 -14.41 30.86 -9.93
CA LEU B 118 -14.93 31.09 -11.27
C LEU B 118 -16.16 31.99 -11.22
N LEU B 119 -17.05 31.74 -10.27
CA LEU B 119 -18.30 32.49 -10.20
C LEU B 119 -18.03 33.98 -9.96
N ARG B 120 -17.08 34.29 -9.08
CA ARG B 120 -16.80 35.67 -8.70
C ARG B 120 -15.76 36.36 -9.59
N GLY B 121 -15.10 35.63 -10.48
CA GLY B 121 -14.08 36.21 -11.34
C GLY B 121 -14.61 36.63 -12.70
N GLY B 122 -13.67 36.99 -13.57
CA GLY B 122 -14.02 37.33 -14.94
C GLY B 122 -14.70 38.69 -15.05
N SER B 123 -15.44 38.84 -16.14
CA SER B 123 -16.20 40.06 -16.42
C SER B 123 -17.67 39.85 -16.07
N ASP B 124 -18.34 40.96 -15.78
CA ASP B 124 -19.75 40.96 -15.39
C ASP B 124 -20.50 41.88 -16.32
N ASP B 125 -21.50 41.33 -17.00
CA ASP B 125 -22.32 42.09 -17.95
C ASP B 125 -23.77 41.89 -17.57
N SER B 126 -24.38 42.93 -17.00
CA SER B 126 -25.76 42.87 -16.54
C SER B 126 -26.78 42.83 -17.67
N SER B 127 -26.36 43.07 -18.90
CA SER B 127 -27.27 42.98 -20.04
C SER B 127 -27.46 41.55 -20.52
N LYS B 128 -26.75 40.59 -19.95
CA LYS B 128 -26.80 39.21 -20.38
C LYS B 128 -27.42 38.33 -19.30
N ASP B 129 -28.02 37.22 -19.75
CA ASP B 129 -28.54 36.23 -18.81
C ASP B 129 -27.39 35.61 -18.03
N PRO B 130 -27.44 35.60 -16.70
CA PRO B 130 -26.33 35.00 -15.94
C PRO B 130 -26.10 33.54 -16.29
N ILE B 131 -27.13 32.83 -16.77
CA ILE B 131 -26.92 31.48 -17.27
C ILE B 131 -25.95 31.50 -18.44
N ASP B 132 -26.11 32.46 -19.35
CA ASP B 132 -25.17 32.59 -20.46
C ASP B 132 -23.77 32.94 -19.97
N VAL B 133 -23.67 33.82 -18.97
CA VAL B 133 -22.35 34.22 -18.47
C VAL B 133 -21.64 33.02 -17.85
N ASN B 134 -22.35 32.26 -17.01
CA ASN B 134 -21.72 31.12 -16.36
C ASN B 134 -21.38 30.01 -17.33
N TYR B 135 -22.21 29.81 -18.37
CA TYR B 135 -21.89 28.82 -19.39
C TYR B 135 -20.58 29.16 -20.07
N GLU B 136 -20.39 30.44 -20.41
CA GLU B 136 -19.15 30.85 -21.06
C GLU B 136 -17.95 30.60 -20.17
N LYS B 137 -18.12 30.76 -18.85
CA LYS B 137 -17.01 30.54 -17.93
C LYS B 137 -16.55 29.08 -17.93
N LEU B 138 -17.40 28.15 -18.36
CA LEU B 138 -17.02 26.75 -18.36
C LEU B 138 -16.04 26.42 -19.47
N LYS B 139 -15.94 27.27 -20.51
CA LYS B 139 -15.00 27.06 -21.60
C LYS B 139 -15.18 25.67 -22.21
N THR B 140 -16.44 25.23 -22.28
CA THR B 140 -16.78 23.88 -22.73
C THR B 140 -18.03 23.95 -23.60
N ASP B 141 -17.99 23.27 -24.74
CA ASP B 141 -19.14 23.20 -25.62
C ASP B 141 -20.03 22.03 -25.20
N ILE B 142 -21.26 22.34 -24.78
CA ILE B 142 -22.19 21.34 -24.30
C ILE B 142 -23.36 21.29 -25.26
N LYS B 143 -23.61 20.10 -25.81
CA LYS B 143 -24.78 19.84 -26.64
C LYS B 143 -25.54 18.65 -26.06
N VAL B 144 -26.85 18.64 -26.30
CA VAL B 144 -27.70 17.57 -25.81
C VAL B 144 -27.69 16.43 -26.82
N VAL B 145 -27.46 15.21 -26.36
CA VAL B 145 -27.53 14.04 -27.21
C VAL B 145 -28.98 13.60 -27.35
N ASP B 146 -29.43 13.40 -28.58
CA ASP B 146 -30.80 12.99 -28.83
C ASP B 146 -31.07 11.60 -28.28
N ARG B 147 -32.16 11.46 -27.53
CA ARG B 147 -32.48 10.19 -26.89
C ARG B 147 -32.51 9.04 -27.88
N ASP B 148 -32.94 9.30 -29.12
CA ASP B 148 -33.13 8.24 -30.11
C ASP B 148 -31.88 7.95 -30.92
N SER B 149 -30.80 8.71 -30.72
CA SER B 149 -29.57 8.44 -31.42
C SER B 149 -28.95 7.12 -30.95
N GLU B 150 -28.00 6.62 -31.75
CA GLU B 150 -27.33 5.39 -31.37
C GLU B 150 -26.36 5.61 -30.23
N GLU B 151 -25.83 6.83 -30.09
CA GLU B 151 -25.03 7.15 -28.92
C GLU B 151 -25.81 6.95 -27.64
N ALA B 152 -27.04 7.49 -27.60
CA ALA B 152 -27.88 7.37 -26.41
C ALA B 152 -28.19 5.91 -26.12
N GLU B 153 -28.49 5.12 -27.16
CA GLU B 153 -28.76 3.70 -26.95
C GLU B 153 -27.54 2.99 -26.35
N ILE B 154 -26.35 3.25 -26.90
CA ILE B 154 -25.14 2.64 -26.36
C ILE B 154 -24.92 3.09 -24.92
N ILE B 155 -25.09 4.38 -24.65
CA ILE B 155 -24.82 4.90 -23.32
C ILE B 155 -25.80 4.31 -22.32
N ARG B 156 -27.09 4.25 -22.68
CA ARG B 156 -28.09 3.71 -21.77
C ARG B 156 -27.85 2.23 -21.50
N LYS B 157 -27.39 1.49 -22.50
CA LYS B 157 -27.01 0.10 -22.28
C LYS B 157 -25.84 0.00 -21.32
N TYR B 158 -24.87 0.91 -21.45
CA TYR B 158 -23.73 0.92 -20.53
C TYR B 158 -24.21 1.10 -19.10
N VAL B 159 -25.14 2.03 -18.88
CA VAL B 159 -25.72 2.22 -17.56
C VAL B 159 -26.53 1.00 -17.14
N LYS B 160 -27.31 0.45 -18.07
CA LYS B 160 -28.24 -0.62 -17.72
C LYS B 160 -27.50 -1.87 -17.23
N ASN B 161 -26.38 -2.22 -17.88
CA ASN B 161 -25.76 -3.51 -17.64
C ASN B 161 -24.69 -3.49 -16.55
N THR B 162 -24.03 -2.35 -16.32
CA THR B 162 -22.86 -2.31 -15.45
C THR B 162 -23.20 -1.79 -14.05
N HIS B 163 -24.39 -2.09 -13.55
CA HIS B 163 -24.78 -1.73 -12.19
C HIS B 163 -24.56 -2.94 -11.30
N ALA B 164 -23.65 -2.80 -10.33
CA ALA B 164 -23.29 -3.94 -9.49
C ALA B 164 -24.44 -4.33 -8.57
N THR B 165 -24.60 -5.64 -8.38
CA THR B 165 -25.62 -6.12 -7.46
C THR B 165 -25.39 -5.60 -6.05
N THR B 166 -24.12 -5.49 -5.64
CA THR B 166 -23.83 -5.04 -4.28
C THR B 166 -24.23 -3.59 -4.04
N HIS B 167 -24.38 -2.79 -5.09
CA HIS B 167 -24.82 -1.40 -4.96
C HIS B 167 -26.34 -1.30 -5.16
N ASN B 168 -27.06 -2.03 -4.31
CA ASN B 168 -28.50 -2.17 -4.42
C ASN B 168 -29.28 -1.06 -3.69
N ALA B 169 -28.60 -0.10 -3.08
CA ALA B 169 -29.29 0.97 -2.36
C ALA B 169 -30.13 1.85 -3.28
N TYR B 170 -29.90 1.81 -4.59
CA TYR B 170 -30.56 2.73 -5.51
C TYR B 170 -30.60 2.14 -6.91
N ASP B 171 -31.56 2.61 -7.69
CA ASP B 171 -31.60 2.42 -9.14
C ASP B 171 -31.19 3.70 -9.84
N LEU B 172 -30.75 3.56 -11.08
CA LEU B 172 -30.23 4.68 -11.86
C LEU B 172 -31.14 4.96 -13.05
N GLU B 173 -31.52 6.22 -13.22
CA GLU B 173 -32.37 6.64 -14.32
C GLU B 173 -31.68 7.80 -15.05
N VAL B 174 -31.42 7.61 -16.34
CA VAL B 174 -30.75 8.64 -17.14
C VAL B 174 -31.76 9.75 -17.45
N ILE B 175 -31.43 10.98 -17.08
CA ILE B 175 -32.29 12.12 -17.36
C ILE B 175 -31.86 12.79 -18.67
N ASP B 176 -30.61 13.25 -18.72
CA ASP B 176 -30.07 13.92 -19.88
C ASP B 176 -28.69 13.39 -20.18
N ILE B 177 -28.36 13.32 -21.47
CA ILE B 177 -27.03 12.96 -21.93
C ILE B 177 -26.49 14.16 -22.70
N PHE B 178 -25.32 14.66 -22.29
CA PHE B 178 -24.65 15.77 -22.93
C PHE B 178 -23.36 15.32 -23.60
N LYS B 179 -23.07 15.89 -24.75
CA LYS B 179 -21.78 15.74 -25.42
C LYS B 179 -20.98 17.00 -25.13
N ILE B 180 -19.81 16.83 -24.51
CA ILE B 180 -19.03 17.95 -23.99
C ILE B 180 -17.68 17.98 -24.67
N GLU B 181 -17.22 19.19 -25.00
CA GLU B 181 -15.93 19.41 -25.65
C GLU B 181 -15.24 20.54 -24.91
N ARG B 182 -14.34 20.20 -23.99
CA ARG B 182 -13.55 21.19 -23.30
C ARG B 182 -12.58 21.86 -24.27
N GLU B 183 -12.46 23.17 -24.15
CA GLU B 183 -11.53 23.91 -25.00
C GLU B 183 -10.11 23.41 -24.80
N GLY B 184 -9.42 23.15 -25.91
CA GLY B 184 -8.03 22.76 -25.88
C GLY B 184 -7.75 21.32 -25.51
N GLU B 185 -8.77 20.57 -25.09
CA GLU B 185 -8.53 19.20 -24.64
C GLU B 185 -8.31 18.25 -25.80
N CYS B 186 -9.02 18.46 -26.92
CA CYS B 186 -8.77 17.63 -28.09
C CYS B 186 -7.32 17.77 -28.54
N GLN B 187 -6.82 19.00 -28.56
CA GLN B 187 -5.41 19.23 -28.90
C GLN B 187 -4.49 18.58 -27.87
N ARG B 188 -4.82 18.71 -26.58
CA ARG B 188 -3.98 18.13 -25.54
C ARG B 188 -3.94 16.61 -25.62
N TYR B 189 -5.07 15.99 -25.96
CA TYR B 189 -5.18 14.54 -26.04
C TYR B 189 -4.57 13.97 -27.33
N LYS B 190 -4.27 14.81 -28.31
CA LYS B 190 -3.82 14.32 -29.61
C LYS B 190 -2.65 13.36 -29.51
N PRO B 191 -1.59 13.64 -28.74
CA PRO B 191 -0.48 12.69 -28.66
C PRO B 191 -0.88 11.30 -28.20
N PHE B 192 -2.01 11.15 -27.54
CA PHE B 192 -2.45 9.84 -27.08
C PHE B 192 -3.58 9.26 -27.92
N LYS B 193 -4.07 10.02 -28.92
CA LYS B 193 -5.17 9.53 -29.73
C LYS B 193 -4.83 8.26 -30.48
N GLN B 194 -3.54 8.00 -30.73
CA GLN B 194 -3.10 6.80 -31.43
C GLN B 194 -2.64 5.69 -30.50
N LEU B 195 -2.56 5.94 -29.20
CA LEU B 195 -2.17 4.90 -28.26
C LEU B 195 -3.23 3.80 -28.24
N HIS B 196 -2.77 2.55 -28.08
CA HIS B 196 -3.68 1.43 -28.04
C HIS B 196 -4.44 1.39 -26.70
N ASN B 197 -5.50 0.59 -26.67
CA ASN B 197 -6.24 0.31 -25.44
C ASN B 197 -6.87 1.59 -24.87
N ARG B 198 -7.68 2.22 -25.70
CA ARG B 198 -8.49 3.37 -25.30
C ARG B 198 -9.89 2.89 -24.97
N ARG B 199 -10.39 3.26 -23.79
CA ARG B 199 -11.69 2.81 -23.32
C ARG B 199 -12.52 3.99 -22.83
N LEU B 200 -13.84 3.84 -22.97
CA LEU B 200 -14.80 4.79 -22.41
C LEU B 200 -15.16 4.35 -21.01
N LEU B 201 -14.81 5.17 -20.01
CA LEU B 201 -14.90 4.79 -18.62
C LEU B 201 -15.65 5.86 -17.83
N TRP B 202 -16.19 5.44 -16.68
CA TRP B 202 -17.00 6.31 -15.83
C TRP B 202 -16.15 7.08 -14.85
N HIS B 203 -16.50 8.34 -14.63
CA HIS B 203 -15.96 9.11 -13.51
C HIS B 203 -17.10 9.88 -12.87
N GLY B 204 -17.40 9.55 -11.61
CA GLY B 204 -18.42 10.22 -10.84
C GLY B 204 -17.82 11.19 -9.84
N SER B 205 -18.56 12.26 -9.54
CA SER B 205 -18.11 13.27 -8.60
C SER B 205 -19.30 14.06 -8.11
N ARG B 206 -19.12 14.74 -6.98
CA ARG B 206 -20.17 15.61 -6.46
C ARG B 206 -20.50 16.69 -7.48
N THR B 207 -21.78 17.06 -7.53
CA THR B 207 -22.20 18.10 -8.48
C THR B 207 -21.43 19.39 -8.27
N THR B 208 -21.02 19.66 -7.03
CA THR B 208 -20.32 20.90 -6.70
C THR B 208 -18.90 20.94 -7.24
N ASN B 209 -18.40 19.85 -7.85
CA ASN B 209 -17.07 19.81 -8.42
C ASN B 209 -17.04 19.99 -9.93
N PHE B 210 -18.20 19.99 -10.60
CA PHE B 210 -18.19 19.91 -12.06
C PHE B 210 -17.91 21.25 -12.73
N ALA B 211 -18.08 22.37 -12.03
CA ALA B 211 -17.63 23.64 -12.58
C ALA B 211 -16.12 23.62 -12.79
N GLY B 212 -15.37 23.14 -11.79
CA GLY B 212 -13.93 23.04 -11.94
C GLY B 212 -13.52 21.97 -12.95
N ILE B 213 -14.20 20.82 -12.92
CA ILE B 213 -13.88 19.74 -13.84
C ILE B 213 -14.07 20.19 -15.28
N LEU B 214 -15.16 20.89 -15.57
CA LEU B 214 -15.41 21.34 -16.95
C LEU B 214 -14.40 22.40 -17.36
N SER B 215 -14.17 23.39 -16.50
CA SER B 215 -13.31 24.52 -16.88
C SER B 215 -11.84 24.11 -16.93
N GLN B 216 -11.40 23.23 -16.02
CA GLN B 216 -10.00 22.85 -15.97
C GLN B 216 -9.75 21.38 -16.32
N GLY B 217 -10.79 20.58 -16.50
CA GLY B 217 -10.62 19.17 -16.74
C GLY B 217 -10.31 18.39 -15.47
N LEU B 218 -10.37 17.07 -15.59
CA LEU B 218 -9.94 16.21 -14.49
C LEU B 218 -8.45 16.40 -14.24
N ARG B 219 -8.07 16.47 -12.98
CA ARG B 219 -6.69 16.78 -12.61
C ARG B 219 -6.21 15.82 -11.53
N ILE B 220 -4.90 15.68 -11.45
CA ILE B 220 -4.26 14.88 -10.39
C ILE B 220 -4.27 15.67 -9.08
N ALA B 221 -4.23 14.95 -7.97
CA ALA B 221 -4.16 15.60 -6.67
C ALA B 221 -2.91 16.46 -6.60
N PRO B 222 -2.96 17.57 -5.87
CA PRO B 222 -1.83 18.52 -5.84
C PRO B 222 -0.60 17.90 -5.21
N PRO B 223 0.57 18.50 -5.43
CA PRO B 223 1.81 17.94 -4.86
C PRO B 223 1.81 17.85 -3.34
N GLU B 224 1.13 18.77 -2.66
CA GLU B 224 1.10 18.73 -1.20
C GLU B 224 0.32 17.54 -0.65
N ALA B 225 -0.53 16.92 -1.46
CA ALA B 225 -1.36 15.83 -0.98
C ALA B 225 -0.50 14.58 -0.69
N PRO B 226 -0.81 13.84 0.37
CA PRO B 226 -0.04 12.61 0.65
C PRO B 226 -0.35 11.51 -0.35
N VAL B 227 0.69 10.90 -0.90
CA VAL B 227 0.48 9.87 -1.92
C VAL B 227 -0.23 8.67 -1.31
N THR B 228 -0.04 8.42 -0.02
CA THR B 228 -0.68 7.28 0.62
C THR B 228 -2.17 7.51 0.88
N GLY B 229 -2.67 8.71 0.62
CA GLY B 229 -4.09 8.97 0.69
C GLY B 229 -4.89 8.48 -0.50
N TYR B 230 -4.22 7.89 -1.50
CA TYR B 230 -4.86 7.37 -2.70
C TYR B 230 -4.35 5.96 -2.96
N MET B 231 -5.29 5.04 -3.21
CA MET B 231 -4.95 3.62 -3.19
C MET B 231 -3.84 3.29 -4.18
N PHE B 232 -3.87 3.88 -5.37
CA PHE B 232 -2.86 3.61 -6.38
C PHE B 232 -2.08 4.88 -6.73
N GLY B 233 -1.84 5.72 -5.74
CA GLY B 233 -1.10 6.94 -5.96
C GLY B 233 -1.96 8.03 -6.58
N LYS B 234 -1.29 9.12 -6.91
CA LYS B 234 -1.99 10.34 -7.33
C LYS B 234 -2.17 10.28 -8.85
N GLY B 235 -3.29 9.70 -9.28
CA GLY B 235 -3.67 9.67 -10.67
C GLY B 235 -5.11 10.10 -10.84
N ILE B 236 -5.73 9.73 -11.96
CA ILE B 236 -7.15 9.98 -12.20
C ILE B 236 -7.82 8.63 -12.31
N TYR B 237 -8.85 8.40 -11.50
CA TYR B 237 -9.44 7.09 -11.30
C TYR B 237 -10.75 6.95 -12.05
N PHE B 238 -10.93 5.80 -12.70
CA PHE B 238 -12.11 5.51 -13.50
C PHE B 238 -12.61 4.11 -13.19
N ALA B 239 -13.86 3.85 -13.56
CA ALA B 239 -14.47 2.54 -13.40
C ALA B 239 -15.19 2.14 -14.68
N ASP B 240 -15.32 0.84 -14.89
CA ASP B 240 -16.17 0.31 -15.95
C ASP B 240 -17.52 -0.17 -15.44
N MET B 241 -17.81 0.00 -14.15
CA MET B 241 -19.12 -0.26 -13.58
C MET B 241 -19.74 1.08 -13.22
N VAL B 242 -20.93 1.36 -13.78
CA VAL B 242 -21.53 2.67 -13.58
C VAL B 242 -21.80 2.92 -12.09
N SER B 243 -22.24 1.89 -11.38
CA SER B 243 -22.58 2.07 -9.96
C SER B 243 -21.35 2.40 -9.12
N LYS B 244 -20.19 1.87 -9.49
CA LYS B 244 -18.99 2.18 -8.72
C LYS B 244 -18.70 3.67 -8.76
N SER B 245 -18.79 4.28 -9.95
CA SER B 245 -18.56 5.72 -10.06
C SER B 245 -19.76 6.51 -9.56
N ALA B 246 -20.98 6.01 -9.79
CA ALA B 246 -22.16 6.72 -9.32
C ALA B 246 -22.17 6.84 -7.80
N ASN B 247 -21.53 5.90 -7.10
CA ASN B 247 -21.38 6.04 -5.66
C ASN B 247 -20.63 7.32 -5.30
N TYR B 248 -19.69 7.74 -6.13
CA TYR B 248 -18.91 8.93 -5.82
C TYR B 248 -19.63 10.22 -6.19
N CYS B 249 -20.83 10.15 -6.74
CA CYS B 249 -21.68 11.35 -6.82
C CYS B 249 -22.11 11.80 -5.44
N HIS B 250 -22.08 10.92 -4.45
CA HIS B 250 -22.47 11.24 -3.08
C HIS B 250 -23.86 11.87 -3.04
N THR B 251 -24.77 11.32 -3.85
CA THR B 251 -26.16 11.74 -3.79
C THR B 251 -26.84 11.10 -2.58
N SER B 252 -28.02 11.61 -2.24
CA SER B 252 -28.79 11.13 -1.11
C SER B 252 -30.27 11.17 -1.46
N GLN B 253 -31.10 10.67 -0.54
CA GLN B 253 -32.54 10.76 -0.72
C GLN B 253 -32.99 12.20 -0.82
N GLY B 254 -32.31 13.11 -0.13
CA GLY B 254 -32.64 14.52 -0.19
C GLY B 254 -32.13 15.25 -1.41
N ASP B 255 -31.18 14.63 -2.13
CA ASP B 255 -30.63 15.18 -3.37
C ASP B 255 -30.36 14.03 -4.32
N PRO B 256 -31.41 13.47 -4.93
CA PRO B 256 -31.24 12.23 -5.69
C PRO B 256 -30.78 12.43 -7.12
N ILE B 257 -30.24 13.61 -7.45
CA ILE B 257 -29.78 13.93 -8.79
C ILE B 257 -28.27 14.09 -8.77
N GLY B 258 -27.58 13.38 -9.67
CA GLY B 258 -26.14 13.41 -9.73
C GLY B 258 -25.65 13.61 -11.16
N LEU B 259 -24.34 13.84 -11.28
CA LEU B 259 -23.67 14.00 -12.56
C LEU B 259 -22.51 13.02 -12.66
N ILE B 260 -22.37 12.38 -13.81
CA ILE B 260 -21.33 11.38 -14.02
C ILE B 260 -20.72 11.61 -15.39
N LEU B 261 -19.41 11.40 -15.48
CA LEU B 261 -18.67 11.62 -16.70
C LEU B 261 -18.45 10.31 -17.45
N LEU B 262 -18.46 10.40 -18.78
CA LEU B 262 -17.90 9.38 -19.65
C LEU B 262 -16.72 10.00 -20.36
N GLY B 263 -15.54 9.41 -20.19
CA GLY B 263 -14.33 9.93 -20.81
C GLY B 263 -13.56 8.83 -21.53
N GLU B 264 -12.94 9.20 -22.64
CA GLU B 264 -12.04 8.29 -23.34
C GLU B 264 -10.68 8.34 -22.65
N VAL B 265 -10.23 7.20 -22.14
CA VAL B 265 -8.98 7.11 -21.40
C VAL B 265 -8.01 6.24 -22.20
N ALA B 266 -6.84 6.78 -22.49
CA ALA B 266 -5.79 6.03 -23.20
C ALA B 266 -5.02 5.20 -22.19
N LEU B 267 -5.37 3.92 -22.07
CA LEU B 267 -4.78 3.08 -21.04
C LEU B 267 -3.46 2.47 -21.48
N GLY B 268 -3.34 2.14 -22.76
CA GLY B 268 -2.09 1.58 -23.26
C GLY B 268 -1.72 0.31 -22.51
N ASN B 269 -0.43 0.21 -22.17
CA ASN B 269 0.07 -0.94 -21.39
C ASN B 269 -0.37 -0.76 -19.95
N MET B 270 -1.23 -1.65 -19.47
CA MET B 270 -1.79 -1.54 -18.13
C MET B 270 -0.92 -2.28 -17.13
N TYR B 271 -0.55 -1.60 -16.05
CA TYR B 271 0.10 -2.21 -14.89
C TYR B 271 -1.01 -2.75 -13.99
N GLU B 272 -1.10 -4.07 -13.90
CA GLU B 272 -2.25 -4.71 -13.27
C GLU B 272 -1.94 -5.02 -11.82
N LEU B 273 -2.79 -4.54 -10.91
CA LEU B 273 -2.56 -4.64 -9.48
C LEU B 273 -3.82 -5.07 -8.75
N LYS B 274 -3.64 -5.84 -7.68
CA LYS B 274 -4.74 -6.30 -6.87
C LYS B 274 -4.82 -5.64 -5.51
N HIS B 275 -3.79 -4.89 -5.11
CA HIS B 275 -3.73 -4.29 -3.79
C HIS B 275 -3.08 -2.92 -3.89
N ALA B 276 -3.19 -2.17 -2.80
CA ALA B 276 -2.75 -0.78 -2.80
C ALA B 276 -1.28 -0.66 -3.18
N SER B 277 -1.00 0.35 -4.00
CA SER B 277 0.38 0.63 -4.41
C SER B 277 0.47 2.14 -4.62
N HIS B 278 1.00 2.84 -3.62
CA HIS B 278 1.05 4.31 -3.63
C HIS B 278 2.27 4.75 -4.44
N ILE B 279 2.14 4.70 -5.76
CA ILE B 279 3.27 4.92 -6.65
C ILE B 279 3.33 6.38 -7.06
N SER B 280 4.56 6.87 -7.28
CA SER B 280 4.76 8.20 -7.82
C SER B 280 4.73 8.20 -9.34
N LYS B 281 5.42 7.25 -9.97
CA LYS B 281 5.44 7.11 -11.42
C LYS B 281 5.13 5.66 -11.79
N LEU B 282 4.75 5.45 -13.04
CA LEU B 282 4.63 4.10 -13.54
C LEU B 282 5.99 3.57 -13.98
N PRO B 283 6.18 2.26 -13.97
CA PRO B 283 7.39 1.70 -14.57
C PRO B 283 7.45 2.02 -16.06
N LYS B 284 8.66 2.13 -16.59
CA LYS B 284 8.84 2.47 -18.00
C LYS B 284 8.12 1.46 -18.88
N GLY B 285 7.36 1.97 -19.85
CA GLY B 285 6.58 1.13 -20.73
C GLY B 285 5.15 0.90 -20.27
N LYS B 286 4.80 1.31 -19.06
CA LYS B 286 3.44 1.25 -18.57
C LYS B 286 2.78 2.62 -18.73
N HIS B 287 1.51 2.62 -19.11
CA HIS B 287 0.77 3.86 -19.31
C HIS B 287 -0.36 4.07 -18.32
N SER B 288 -0.72 3.05 -17.55
CA SER B 288 -1.82 3.17 -16.61
C SER B 288 -1.75 2.01 -15.62
N VAL B 289 -2.56 2.11 -14.58
CA VAL B 289 -2.77 1.03 -13.62
C VAL B 289 -4.21 0.55 -13.76
N LYS B 290 -4.40 -0.76 -13.70
CA LYS B 290 -5.74 -1.35 -13.63
C LYS B 290 -5.84 -2.14 -12.33
N GLY B 291 -6.71 -1.70 -11.43
CA GLY B 291 -7.02 -2.48 -10.25
C GLY B 291 -7.93 -3.64 -10.63
N LEU B 292 -7.43 -4.86 -10.52
CA LEU B 292 -8.20 -6.02 -10.95
C LEU B 292 -9.31 -6.30 -9.93
N GLY B 293 -10.56 -6.24 -10.39
CA GLY B 293 -11.67 -6.58 -9.53
C GLY B 293 -12.08 -8.04 -9.64
N LYS B 294 -12.81 -8.52 -8.63
CA LYS B 294 -13.33 -9.87 -8.67
C LYS B 294 -14.41 -10.02 -9.74
N THR B 295 -15.20 -8.97 -9.95
CA THR B 295 -16.25 -8.95 -10.96
C THR B 295 -15.88 -7.95 -12.05
N THR B 296 -16.05 -8.36 -13.31
CA THR B 296 -15.75 -7.53 -14.46
C THR B 296 -16.87 -7.65 -15.49
N PRO B 297 -17.11 -6.61 -16.28
CA PRO B 297 -18.08 -6.73 -17.38
C PRO B 297 -17.63 -7.77 -18.37
N ASP B 298 -18.59 -8.51 -18.91
CA ASP B 298 -18.29 -9.63 -19.80
C ASP B 298 -17.50 -9.14 -21.00
N PRO B 299 -16.23 -9.53 -21.13
CA PRO B 299 -15.39 -9.00 -22.23
C PRO B 299 -15.95 -9.29 -23.61
N SER B 300 -16.62 -10.42 -23.80
CA SER B 300 -17.17 -10.74 -25.11
C SER B 300 -18.21 -9.74 -25.57
N ALA B 301 -18.78 -8.97 -24.65
CA ALA B 301 -19.81 -7.99 -24.97
C ALA B 301 -19.25 -6.60 -25.24
N ASN B 302 -17.93 -6.46 -25.36
CA ASN B 302 -17.33 -5.16 -25.64
C ASN B 302 -17.76 -4.63 -26.99
N ILE B 303 -17.97 -3.32 -27.07
CA ILE B 303 -18.40 -2.64 -28.29
C ILE B 303 -17.53 -1.42 -28.49
N SER B 304 -17.39 -0.98 -29.73
CA SER B 304 -16.63 0.19 -30.10
C SER B 304 -17.57 1.34 -30.44
N LEU B 305 -17.33 2.50 -29.84
CA LEU B 305 -18.07 3.73 -30.15
C LEU B 305 -17.04 4.75 -30.61
N ASP B 306 -16.94 4.94 -31.93
CA ASP B 306 -15.94 5.84 -32.51
C ASP B 306 -14.53 5.36 -32.18
N GLY B 307 -14.29 4.07 -32.39
CA GLY B 307 -12.97 3.51 -32.17
C GLY B 307 -12.58 3.33 -30.73
N VAL B 308 -13.50 3.52 -29.80
CA VAL B 308 -13.23 3.39 -28.36
C VAL B 308 -14.02 2.20 -27.84
N ASP B 309 -13.33 1.31 -27.13
CA ASP B 309 -13.99 0.15 -26.57
C ASP B 309 -14.88 0.55 -25.40
N VAL B 310 -16.13 0.07 -25.41
CA VAL B 310 -17.10 0.30 -24.35
C VAL B 310 -17.33 -1.05 -23.65
N PRO B 311 -16.83 -1.26 -22.44
CA PRO B 311 -17.08 -2.52 -21.73
C PRO B 311 -18.44 -2.55 -21.05
N LEU B 312 -19.50 -2.54 -21.87
CA LEU B 312 -20.88 -2.50 -21.38
C LEU B 312 -21.47 -3.88 -21.15
N GLY B 313 -20.65 -4.92 -21.10
CA GLY B 313 -21.17 -6.25 -20.86
C GLY B 313 -21.62 -6.45 -19.43
N THR B 314 -22.44 -7.48 -19.24
CA THR B 314 -22.95 -7.79 -17.92
C THR B 314 -21.82 -8.26 -16.99
N GLY B 315 -21.98 -7.97 -15.71
CA GLY B 315 -20.95 -8.30 -14.74
C GLY B 315 -20.79 -9.81 -14.59
N ILE B 316 -19.54 -10.29 -14.71
CA ILE B 316 -19.22 -11.70 -14.52
C ILE B 316 -17.96 -11.79 -13.67
N SER B 317 -17.72 -12.99 -13.14
CA SER B 317 -16.51 -13.24 -12.38
C SER B 317 -15.29 -13.09 -13.28
N SER B 318 -14.27 -12.39 -12.78
CA SER B 318 -13.05 -12.20 -13.55
C SER B 318 -12.09 -13.36 -13.44
N GLY B 319 -12.30 -14.27 -12.49
CA GLY B 319 -11.36 -15.33 -12.22
C GLY B 319 -10.19 -14.91 -11.36
N VAL B 320 -10.12 -13.65 -10.95
CA VAL B 320 -9.01 -13.14 -10.15
C VAL B 320 -9.31 -13.38 -8.68
N ASN B 321 -8.39 -14.05 -8.00
CA ASN B 321 -8.49 -14.29 -6.56
C ASN B 321 -7.39 -13.53 -5.83
N ASP B 322 -7.62 -13.28 -4.55
CA ASP B 322 -6.71 -12.51 -3.71
C ASP B 322 -6.55 -11.08 -4.26
N THR B 323 -7.66 -10.36 -4.24
CA THR B 323 -7.68 -8.95 -4.62
C THR B 323 -8.44 -8.13 -3.59
N SER B 324 -8.03 -6.88 -3.43
CA SER B 324 -8.68 -5.94 -2.52
C SER B 324 -9.89 -5.24 -3.14
N LEU B 325 -10.19 -5.50 -4.40
CA LEU B 325 -11.19 -4.75 -5.16
C LEU B 325 -12.33 -5.67 -5.58
N LEU B 326 -13.56 -5.25 -5.28
CA LEU B 326 -14.72 -5.97 -5.81
C LEU B 326 -14.85 -5.77 -7.31
N TYR B 327 -14.51 -4.58 -7.80
CA TYR B 327 -14.67 -4.23 -9.21
C TYR B 327 -13.43 -3.50 -9.71
N ASN B 328 -13.25 -3.50 -11.03
CA ASN B 328 -12.06 -2.90 -11.63
C ASN B 328 -12.01 -1.40 -11.36
N GLU B 329 -10.82 -0.84 -11.47
CA GLU B 329 -10.67 0.60 -11.59
C GLU B 329 -9.42 0.89 -12.40
N TYR B 330 -9.41 2.05 -13.05
CA TYR B 330 -8.35 2.43 -13.97
C TYR B 330 -7.81 3.79 -13.58
N ILE B 331 -6.47 3.91 -13.57
CA ILE B 331 -5.80 5.12 -13.14
C ILE B 331 -4.79 5.52 -14.21
N VAL B 332 -4.78 6.80 -14.58
CA VAL B 332 -3.75 7.39 -15.42
C VAL B 332 -3.07 8.51 -14.63
N TYR B 333 -1.78 8.71 -14.91
CA TYR B 333 -0.95 9.63 -14.15
C TYR B 333 -0.50 10.81 -14.99
N ASP B 334 -1.07 10.96 -16.18
CA ASP B 334 -0.89 12.14 -17.02
C ASP B 334 -2.27 12.62 -17.43
N ILE B 335 -2.59 13.87 -17.10
CA ILE B 335 -3.93 14.37 -17.35
C ILE B 335 -4.26 14.40 -18.84
N ALA B 336 -3.24 14.46 -19.70
CA ALA B 336 -3.46 14.49 -21.14
C ALA B 336 -4.02 13.17 -21.68
N GLN B 337 -4.02 12.11 -20.88
CA GLN B 337 -4.53 10.82 -21.31
C GLN B 337 -6.04 10.70 -21.17
N VAL B 338 -6.73 11.82 -20.87
CA VAL B 338 -8.16 11.82 -20.68
C VAL B 338 -8.79 12.80 -21.68
N ASN B 339 -9.76 12.32 -22.43
CA ASN B 339 -10.56 13.17 -23.31
C ASN B 339 -12.02 12.99 -22.90
N LEU B 340 -12.55 13.95 -22.15
CA LEU B 340 -13.93 13.86 -21.70
C LEU B 340 -14.89 13.92 -22.88
N LYS B 341 -15.89 13.04 -22.88
CA LYS B 341 -16.79 12.90 -24.02
C LYS B 341 -18.24 13.21 -23.68
N TYR B 342 -18.76 12.64 -22.59
CA TYR B 342 -20.17 12.81 -22.25
C TYR B 342 -20.32 13.15 -20.77
N LEU B 343 -21.33 13.95 -20.48
CA LEU B 343 -21.76 14.25 -19.11
C LEU B 343 -23.21 13.78 -18.99
N LEU B 344 -23.46 12.90 -18.03
CA LEU B 344 -24.79 12.33 -17.81
C LEU B 344 -25.39 12.91 -16.54
N LYS B 345 -26.65 13.32 -16.63
CA LYS B 345 -27.42 13.73 -15.47
C LYS B 345 -28.33 12.58 -15.10
N LEU B 346 -28.16 12.03 -13.90
CA LEU B 346 -28.82 10.80 -13.50
C LEU B 346 -29.70 11.03 -12.27
N LYS B 347 -30.82 10.31 -12.23
CA LYS B 347 -31.71 10.36 -11.09
C LYS B 347 -31.51 9.07 -10.28
N PHE B 348 -31.22 9.24 -9.00
CA PHE B 348 -31.01 8.11 -8.08
C PHE B 348 -32.35 7.76 -7.44
N ASN B 349 -32.85 6.55 -7.72
CA ASN B 349 -34.09 6.07 -7.13
C ASN B 349 -33.73 5.18 -5.94
N PHE B 350 -33.69 5.77 -4.75
CA PHE B 350 -33.26 5.06 -3.55
C PHE B 350 -34.35 4.13 -3.05
N LYS B 351 -33.94 2.96 -2.58
CA LYS B 351 -34.87 1.94 -2.11
C LYS B 351 -35.00 1.98 -0.59
#